data_1NQX
#
_entry.id   1NQX
#
_cell.length_a   180.113
_cell.length_b   180.113
_cell.length_c   180.113
_cell.angle_alpha   90.00
_cell.angle_beta   90.00
_cell.angle_gamma   90.00
#
_symmetry.space_group_name_H-M   'I 2 3'
#
loop_
_entity.id
_entity.type
_entity.pdbx_description
1 polymer '6,7-dimethyl-8-ribityllumazine synthase'
2 non-polymer 'PHOSPHATE ION'
3 non-polymer '3-(7-HYDROXY-8-RIBITYLLUMAZINE-6-YL) PROPIONIC ACID'
4 water water
#
_entity_poly.entity_id   1
_entity_poly.type   'polypeptide(L)'
_entity_poly.pdbx_seq_one_letter_code
;MQIYEGKLTAEGLRFGIVASRFNHALVDRLVEGAIDCIVRHGGREEDITLVRVPGSWEIPVAAGELARKEDIDAVIAIGV
LIRGATPHFDYIASEVSKGLANLSLELRKPITFGVITADTLEQAIERAGTKHGNKGWEAALSAIEMANLFKSLR
;
_entity_poly.pdbx_strand_id   A,B,C,D,E
#
loop_
_chem_comp.id
_chem_comp.type
_chem_comp.name
_chem_comp.formula
PO4 non-polymer 'PHOSPHATE ION' 'O4 P -3'
RLP non-polymer '3-(7-HYDROXY-8-RIBITYLLUMAZINE-6-YL) PROPIONIC ACID' 'C14 H18 N4 O9'
#
# COMPACT_ATOMS: atom_id res chain seq x y z
N MET A 1 -16.15 -8.59 -31.94
CA MET A 1 -15.63 -8.07 -30.69
C MET A 1 -16.73 -7.42 -29.86
N GLN A 2 -16.80 -7.72 -28.57
CA GLN A 2 -17.78 -7.07 -27.69
C GLN A 2 -17.14 -5.77 -27.22
N ILE A 3 -17.83 -4.65 -27.37
CA ILE A 3 -17.29 -3.36 -26.96
C ILE A 3 -18.25 -2.70 -26.00
N TYR A 4 -17.73 -2.28 -24.84
CA TYR A 4 -18.51 -1.57 -23.85
C TYR A 4 -17.91 -0.18 -23.69
N GLU A 5 -18.77 0.84 -23.68
CA GLU A 5 -18.30 2.18 -23.43
C GLU A 5 -19.41 3.01 -22.84
N GLY A 6 -19.05 4.13 -22.23
CA GLY A 6 -20.03 5.02 -21.68
C GLY A 6 -20.22 6.26 -22.55
N LYS A 7 -21.47 6.60 -22.81
CA LYS A 7 -21.79 7.88 -23.44
C LYS A 7 -21.65 9.02 -22.42
N LEU A 8 -21.81 10.25 -22.88
CA LEU A 8 -21.61 11.40 -22.03
C LEU A 8 -22.90 12.16 -21.71
N THR A 9 -24.05 11.56 -22.03
CA THR A 9 -25.32 12.15 -21.63
C THR A 9 -25.62 11.68 -20.22
N ALA A 10 -26.05 12.60 -19.36
CA ALA A 10 -26.18 12.28 -17.95
C ALA A 10 -27.62 12.19 -17.46
N GLU A 11 -28.57 12.13 -18.38
CA GLU A 11 -29.97 12.00 -17.98
C GLU A 11 -30.17 10.81 -17.03
N GLY A 12 -30.81 11.09 -15.92
CA GLY A 12 -31.12 10.07 -14.92
C GLY A 12 -30.01 9.64 -14.01
N LEU A 13 -28.83 10.20 -14.20
CA LEU A 13 -27.71 9.73 -13.38
C LEU A 13 -27.70 10.50 -12.08
N ARG A 14 -27.16 9.86 -11.05
CA ARG A 14 -27.15 10.43 -9.73
C ARG A 14 -25.73 10.40 -9.23
N PHE A 15 -25.23 11.56 -8.79
CA PHE A 15 -23.82 11.69 -8.39
C PHE A 15 -23.61 12.13 -6.98
N GLY A 16 -22.56 11.60 -6.36
CA GLY A 16 -22.08 12.11 -5.10
C GLY A 16 -20.80 12.88 -5.35
N ILE A 17 -20.68 14.03 -4.72
CA ILE A 17 -19.45 14.81 -4.75
C ILE A 17 -19.01 14.97 -3.32
N VAL A 18 -17.74 14.67 -3.04
CA VAL A 18 -17.18 14.95 -1.72
C VAL A 18 -16.13 16.01 -1.94
N ALA A 19 -16.27 17.16 -1.27
CA ALA A 19 -15.37 18.29 -1.52
C ALA A 19 -14.80 18.82 -0.20
N SER A 20 -13.48 18.90 -0.11
CA SER A 20 -12.85 19.40 1.09
C SER A 20 -12.82 20.92 1.14
N ARG A 21 -12.61 21.44 2.33
CA ARG A 21 -12.62 22.90 2.54
C ARG A 21 -11.24 23.54 2.52
N PHE A 22 -10.21 22.77 2.77
CA PHE A 22 -8.85 23.35 2.77
C PHE A 22 -8.63 23.89 1.34
N ASN A 23 -8.04 25.07 1.21
CA ASN A 23 -7.84 25.69 -0.11
C ASN A 23 -9.17 25.92 -0.84
N HIS A 24 -10.18 26.28 -0.06
CA HIS A 24 -11.53 26.43 -0.62
C HIS A 24 -11.66 27.42 -1.78
N ALA A 25 -10.80 28.43 -1.81
CA ALA A 25 -10.92 29.41 -2.87
C ALA A 25 -10.71 28.76 -4.22
N LEU A 26 -9.97 27.64 -4.23
CA LEU A 26 -9.74 26.85 -5.43
C LEU A 26 -10.73 25.72 -5.50
N VAL A 27 -10.93 25.01 -4.41
CA VAL A 27 -11.88 23.90 -4.41
C VAL A 27 -13.25 24.36 -4.85
N ASP A 28 -13.69 25.54 -4.41
CA ASP A 28 -15.01 26.01 -4.81
C ASP A 28 -15.19 26.16 -6.32
N ARG A 29 -14.10 26.48 -7.04
CA ARG A 29 -14.13 26.54 -8.49
C ARG A 29 -14.24 25.14 -9.11
N LEU A 30 -13.58 24.16 -8.51
CA LEU A 30 -13.70 22.76 -8.92
C LEU A 30 -15.14 22.25 -8.76
N VAL A 31 -15.77 22.61 -7.66
CA VAL A 31 -17.14 22.20 -7.38
C VAL A 31 -18.07 22.85 -8.41
N GLU A 32 -17.88 24.13 -8.68
CA GLU A 32 -18.66 24.81 -9.72
C GLU A 32 -18.53 24.06 -11.05
N GLY A 33 -17.29 23.66 -11.37
CA GLY A 33 -17.05 22.96 -12.63
C GLY A 33 -17.72 21.62 -12.69
N ALA A 34 -17.66 20.87 -11.59
CA ALA A 34 -18.23 19.54 -11.57
C ALA A 34 -19.78 19.65 -11.74
N ILE A 35 -20.39 20.59 -11.05
CA ILE A 35 -21.85 20.71 -11.12
C ILE A 35 -22.27 21.14 -12.51
N ASP A 36 -21.56 22.12 -13.07
CA ASP A 36 -21.86 22.58 -14.41
C ASP A 36 -21.77 21.44 -15.42
N CYS A 37 -20.72 20.63 -15.30
CA CYS A 37 -20.55 19.52 -16.21
C CYS A 37 -21.73 18.59 -16.16
N ILE A 38 -22.13 18.23 -14.95
CA ILE A 38 -23.27 17.33 -14.80
C ILE A 38 -24.52 17.94 -15.40
N VAL A 39 -24.83 19.16 -15.01
CA VAL A 39 -26.09 19.78 -15.45
C VAL A 39 -26.18 19.99 -16.93
N ARG A 40 -25.10 20.44 -17.55
CA ARG A 40 -25.19 20.72 -18.99
C ARG A 40 -25.04 19.46 -19.86
N HIS A 41 -24.69 18.35 -19.23
CA HIS A 41 -24.73 17.04 -19.91
C HIS A 41 -26.08 16.33 -19.70
N GLY A 42 -27.03 17.02 -19.06
CA GLY A 42 -28.37 16.46 -18.85
C GLY A 42 -28.70 15.90 -17.48
N GLY A 43 -27.76 15.92 -16.55
CA GLY A 43 -28.03 15.50 -15.18
C GLY A 43 -28.80 16.58 -14.44
N ARG A 44 -29.62 16.17 -13.46
CA ARG A 44 -30.37 17.14 -12.70
C ARG A 44 -29.56 17.49 -11.48
N GLU A 45 -29.53 18.77 -11.15
CA GLU A 45 -28.81 19.20 -9.95
C GLU A 45 -29.36 18.56 -8.72
N GLU A 46 -30.68 18.30 -8.70
CA GLU A 46 -31.34 17.65 -7.58
C GLU A 46 -30.79 16.28 -7.33
N ASP A 47 -30.21 15.70 -8.37
CA ASP A 47 -29.67 14.36 -8.30
C ASP A 47 -28.19 14.34 -7.92
N ILE A 48 -27.72 15.48 -7.44
CA ILE A 48 -26.38 15.58 -6.90
C ILE A 48 -26.44 15.63 -5.39
N THR A 49 -25.59 14.84 -4.72
CA THR A 49 -25.44 14.93 -3.28
C THR A 49 -24.04 15.45 -3.03
N LEU A 50 -23.93 16.59 -2.36
CA LEU A 50 -22.64 17.21 -2.06
C LEU A 50 -22.35 17.02 -0.56
N VAL A 51 -21.20 16.47 -0.27
CA VAL A 51 -20.73 16.32 1.11
C VAL A 51 -19.46 17.12 1.29
N ARG A 52 -19.44 18.01 2.29
CA ARG A 52 -18.25 18.80 2.58
C ARG A 52 -17.47 18.18 3.74
N VAL A 53 -16.15 18.21 3.65
CA VAL A 53 -15.28 17.71 4.70
C VAL A 53 -14.13 18.71 4.89
N PRO A 54 -13.45 18.66 6.02
CA PRO A 54 -12.39 19.61 6.30
C PRO A 54 -11.22 19.61 5.35
N GLY A 55 -10.60 18.48 5.13
CA GLY A 55 -9.43 18.42 4.26
C GLY A 55 -9.41 17.19 3.37
N SER A 56 -8.42 17.12 2.50
CA SER A 56 -8.28 15.98 1.62
C SER A 56 -8.22 14.70 2.41
N TRP A 57 -7.60 14.74 3.59
CA TRP A 57 -7.48 13.55 4.43
C TRP A 57 -8.83 12.87 4.70
N GLU A 58 -9.83 13.71 4.90
CA GLU A 58 -11.19 13.27 5.24
C GLU A 58 -12.05 12.89 4.05
N ILE A 59 -11.59 13.14 2.82
CA ILE A 59 -12.41 12.75 1.68
C ILE A 59 -12.77 11.25 1.59
N PRO A 60 -11.80 10.33 1.70
CA PRO A 60 -12.13 8.91 1.59
C PRO A 60 -13.24 8.42 2.51
N VAL A 61 -13.17 8.69 3.81
CA VAL A 61 -14.18 8.16 4.71
C VAL A 61 -15.58 8.65 4.35
N ALA A 62 -15.71 9.90 3.92
CA ALA A 62 -17.00 10.41 3.47
C ALA A 62 -17.40 9.79 2.14
N ALA A 63 -16.45 9.64 1.23
CA ALA A 63 -16.74 9.01 -0.07
C ALA A 63 -17.21 7.56 0.09
N GLY A 64 -16.68 6.89 1.11
CA GLY A 64 -17.05 5.52 1.42
C GLY A 64 -18.53 5.45 1.82
N GLU A 65 -19.02 6.47 2.51
CA GLU A 65 -20.43 6.46 2.88
C GLU A 65 -21.31 6.75 1.67
N LEU A 66 -20.90 7.69 0.84
CA LEU A 66 -21.68 8.02 -0.35
C LEU A 66 -21.69 6.90 -1.36
N ALA A 67 -20.54 6.27 -1.56
CA ALA A 67 -20.47 5.24 -2.55
C ALA A 67 -21.27 4.02 -2.15
N ARG A 68 -21.56 3.89 -0.85
CA ARG A 68 -22.37 2.75 -0.41
C ARG A 68 -23.87 2.94 -0.63
N LYS A 69 -24.27 4.15 -1.02
CA LYS A 69 -25.70 4.42 -1.26
C LYS A 69 -26.12 3.80 -2.58
N GLU A 70 -27.20 3.02 -2.53
CA GLU A 70 -27.62 2.33 -3.74
C GLU A 70 -28.09 3.29 -4.83
N ASP A 71 -28.51 4.49 -4.42
CA ASP A 71 -29.00 5.50 -5.34
C ASP A 71 -27.96 6.52 -5.78
N ILE A 72 -26.68 6.17 -5.59
CA ILE A 72 -25.60 6.98 -6.11
C ILE A 72 -24.86 6.16 -7.18
N ASP A 73 -24.78 6.68 -8.39
CA ASP A 73 -24.19 5.92 -9.49
C ASP A 73 -22.66 6.01 -9.57
N ALA A 74 -22.13 7.12 -9.09
CA ALA A 74 -20.69 7.39 -9.09
C ALA A 74 -20.40 8.51 -8.08
N VAL A 75 -19.18 8.49 -7.55
CA VAL A 75 -18.72 9.51 -6.65
C VAL A 75 -17.53 10.25 -7.26
N ILE A 76 -17.58 11.57 -7.13
CA ILE A 76 -16.55 12.46 -7.60
C ILE A 76 -15.85 13.09 -6.38
N ALA A 77 -14.55 12.82 -6.25
CA ALA A 77 -13.74 13.36 -5.17
C ALA A 77 -13.06 14.64 -5.59
N ILE A 78 -13.24 15.69 -4.80
CA ILE A 78 -12.76 17.03 -5.13
C ILE A 78 -11.98 17.64 -3.99
N GLY A 79 -10.74 18.01 -4.26
CA GLY A 79 -9.92 18.66 -3.25
C GLY A 79 -8.72 19.34 -3.87
N VAL A 80 -7.99 20.11 -3.07
CA VAL A 80 -6.78 20.76 -3.56
C VAL A 80 -5.66 20.62 -2.55
N LEU A 81 -4.63 19.91 -2.94
CA LEU A 81 -3.40 19.76 -2.16
C LEU A 81 -2.31 20.58 -2.83
N ILE A 82 -1.67 21.43 -2.04
CA ILE A 82 -0.53 22.22 -2.48
C ILE A 82 0.63 21.94 -1.56
N ARG A 83 1.76 21.58 -2.14
CA ARG A 83 2.92 21.22 -1.34
C ARG A 83 3.32 22.39 -0.44
N GLY A 84 3.57 22.07 0.82
CA GLY A 84 4.09 23.01 1.78
C GLY A 84 5.59 22.82 1.97
N ALA A 85 6.07 23.21 3.14
CA ALA A 85 7.51 23.09 3.45
C ALA A 85 7.91 21.68 3.86
N THR A 86 6.96 20.90 4.38
CA THR A 86 7.28 19.56 4.89
C THR A 86 6.72 18.51 3.97
N PRO A 87 7.08 17.26 4.21
CA PRO A 87 6.54 16.15 3.43
C PRO A 87 5.09 15.79 3.73
N HIS A 88 4.40 16.59 4.53
CA HIS A 88 3.02 16.29 4.86
C HIS A 88 2.17 16.03 3.61
N PHE A 89 2.33 16.87 2.61
CA PHE A 89 1.64 16.75 1.34
C PHE A 89 1.73 15.33 0.78
N ASP A 90 2.91 14.77 0.80
CA ASP A 90 3.13 13.43 0.25
C ASP A 90 2.24 12.39 0.92
N TYR A 91 2.19 12.43 2.25
CA TYR A 91 1.46 11.42 2.98
C TYR A 91 -0.04 11.58 2.79
N ILE A 92 -0.52 12.83 2.78
CA ILE A 92 -1.97 13.04 2.53
C ILE A 92 -2.33 12.65 1.07
N ALA A 93 -1.59 13.12 0.09
CA ALA A 93 -1.88 12.79 -1.29
C ALA A 93 -1.83 11.28 -1.49
N SER A 94 -0.89 10.59 -0.84
CA SER A 94 -0.80 9.14 -1.02
C SER A 94 -2.01 8.46 -0.43
N GLU A 95 -2.39 8.86 0.77
CA GLU A 95 -3.54 8.20 1.38
C GLU A 95 -4.89 8.55 0.80
N VAL A 96 -5.05 9.76 0.29
CA VAL A 96 -6.32 10.13 -0.32
C VAL A 96 -6.51 9.35 -1.59
N SER A 97 -5.46 9.28 -2.40
CA SER A 97 -5.53 8.54 -3.65
C SER A 97 -5.68 7.04 -3.40
N LYS A 98 -4.94 6.49 -2.45
CA LYS A 98 -5.06 5.05 -2.19
C LYS A 98 -6.46 4.69 -1.65
N GLY A 99 -6.98 5.52 -0.75
CA GLY A 99 -8.27 5.28 -0.16
C GLY A 99 -9.42 5.28 -1.15
N LEU A 100 -9.45 6.30 -1.99
CA LEU A 100 -10.46 6.37 -3.03
C LEU A 100 -10.40 5.19 -3.98
N ALA A 101 -9.20 4.83 -4.41
CA ALA A 101 -9.08 3.76 -5.38
C ALA A 101 -9.50 2.44 -4.76
N ASN A 102 -9.08 2.23 -3.52
CA ASN A 102 -9.42 0.98 -2.80
C ASN A 102 -10.95 0.90 -2.63
N LEU A 103 -11.58 2.01 -2.26
CA LEU A 103 -13.03 2.01 -2.08
C LEU A 103 -13.75 1.70 -3.37
N SER A 104 -13.27 2.28 -4.46
CA SER A 104 -13.90 2.01 -5.73
C SER A 104 -13.90 0.49 -6.03
N LEU A 105 -12.77 -0.15 -5.79
CA LEU A 105 -12.66 -1.58 -6.08
C LEU A 105 -13.47 -2.41 -5.13
N GLU A 106 -13.50 -2.04 -3.85
CA GLU A 106 -14.23 -2.77 -2.83
C GLU A 106 -15.74 -2.70 -3.07
N LEU A 107 -16.21 -1.51 -3.42
CA LEU A 107 -17.62 -1.31 -3.65
C LEU A 107 -18.06 -1.51 -5.08
N ARG A 108 -17.11 -1.83 -5.97
CA ARG A 108 -17.39 -2.02 -7.38
C ARG A 108 -18.25 -0.87 -7.95
N LYS A 109 -17.80 0.34 -7.68
CA LYS A 109 -18.51 1.56 -8.10
C LYS A 109 -17.50 2.64 -8.46
N PRO A 110 -17.72 3.35 -9.55
CA PRO A 110 -16.75 4.35 -9.98
C PRO A 110 -16.61 5.50 -8.98
N ILE A 111 -15.37 5.83 -8.66
CA ILE A 111 -15.06 6.99 -7.82
C ILE A 111 -13.95 7.69 -8.59
N THR A 112 -14.25 8.91 -9.05
CA THR A 112 -13.32 9.64 -9.89
C THR A 112 -12.48 10.62 -9.08
N PHE A 113 -11.34 10.97 -9.64
CA PHE A 113 -10.30 11.70 -8.90
C PHE A 113 -10.17 13.14 -9.40
N GLY A 114 -10.84 14.04 -8.72
CA GLY A 114 -10.80 15.47 -8.98
C GLY A 114 -9.99 16.21 -7.91
N VAL A 115 -8.92 15.59 -7.42
CA VAL A 115 -8.09 16.17 -6.39
C VAL A 115 -6.82 16.69 -7.06
N ILE A 116 -6.59 17.99 -7.02
CA ILE A 116 -5.36 18.57 -7.52
C ILE A 116 -4.26 18.22 -6.52
N THR A 117 -3.11 17.79 -7.03
CA THR A 117 -1.94 17.53 -6.21
C THR A 117 -0.79 18.37 -6.83
N ALA A 118 -0.68 19.61 -6.38
CA ALA A 118 0.20 20.60 -6.97
C ALA A 118 1.45 20.87 -6.15
N ASP A 119 2.58 21.10 -6.83
CA ASP A 119 3.78 21.53 -6.11
C ASP A 119 3.65 23.00 -5.72
N THR A 120 2.95 23.79 -6.54
CA THR A 120 2.85 25.22 -6.27
C THR A 120 1.42 25.76 -6.31
N LEU A 121 1.22 26.93 -5.73
CA LEU A 121 -0.07 27.57 -5.77
C LEU A 121 -0.43 27.89 -7.22
N GLU A 122 0.55 28.33 -8.00
CA GLU A 122 0.34 28.64 -9.42
C GLU A 122 -0.22 27.44 -10.19
N GLN A 123 0.33 26.27 -9.94
CA GLN A 123 -0.13 25.05 -10.61
C GLN A 123 -1.57 24.71 -10.21
N ALA A 124 -1.89 24.95 -8.96
CA ALA A 124 -3.27 24.71 -8.49
C ALA A 124 -4.24 25.66 -9.16
N ILE A 125 -3.88 26.92 -9.24
CA ILE A 125 -4.74 27.92 -9.88
C ILE A 125 -4.94 27.53 -11.36
N GLU A 126 -3.89 27.09 -12.02
CA GLU A 126 -3.94 26.70 -13.44
C GLU A 126 -4.97 25.60 -13.68
N ARG A 127 -5.17 24.76 -12.67
CA ARG A 127 -6.02 23.59 -12.81
C ARG A 127 -7.41 23.74 -12.19
N ALA A 128 -7.69 24.90 -11.64
CA ALA A 128 -8.95 25.16 -10.99
C ALA A 128 -9.74 26.25 -11.75
N GLY A 129 -9.87 26.04 -13.05
CA GLY A 129 -10.62 26.97 -13.87
C GLY A 129 -9.82 28.04 -14.57
N THR A 130 -8.52 27.83 -14.77
CA THR A 130 -7.77 28.77 -15.61
C THR A 130 -7.08 28.00 -16.76
N LYS A 131 -5.80 28.28 -17.04
CA LYS A 131 -5.18 27.81 -18.28
C LYS A 131 -5.15 26.31 -18.54
N HIS A 132 -5.15 25.52 -17.48
CA HIS A 132 -5.12 24.08 -17.66
C HIS A 132 -6.46 23.45 -17.32
N GLY A 133 -7.51 24.21 -17.47
CA GLY A 133 -8.87 23.70 -17.30
C GLY A 133 -9.33 23.64 -15.86
N ASN A 134 -10.25 22.71 -15.61
CA ASN A 134 -10.91 22.60 -14.32
C ASN A 134 -11.01 21.12 -14.00
N LYS A 135 -10.25 20.71 -13.00
CA LYS A 135 -10.14 19.31 -12.61
C LYS A 135 -11.47 18.75 -12.10
N GLY A 136 -12.31 19.62 -11.55
CA GLY A 136 -13.65 19.23 -11.11
C GLY A 136 -14.51 18.82 -12.29
N TRP A 137 -14.47 19.65 -13.33
CA TRP A 137 -15.18 19.35 -14.58
C TRP A 137 -14.66 18.02 -15.17
N GLU A 138 -13.35 17.82 -15.17
CA GLU A 138 -12.77 16.59 -15.73
C GLU A 138 -13.25 15.35 -14.96
N ALA A 139 -13.22 15.44 -13.65
CA ALA A 139 -13.60 14.31 -12.81
C ALA A 139 -15.11 14.02 -12.91
N ALA A 140 -15.89 15.07 -13.09
CA ALA A 140 -17.32 14.91 -13.30
C ALA A 140 -17.60 14.24 -14.64
N LEU A 141 -16.94 14.69 -15.70
CA LEU A 141 -17.15 14.08 -16.99
C LEU A 141 -16.76 12.60 -16.95
N SER A 142 -15.65 12.28 -16.29
CA SER A 142 -15.27 10.90 -16.09
C SER A 142 -16.38 10.07 -15.37
N ALA A 143 -16.95 10.69 -14.37
CA ALA A 143 -18.01 10.01 -13.58
C ALA A 143 -19.24 9.73 -14.42
N ILE A 144 -19.60 10.67 -15.28
CA ILE A 144 -20.72 10.49 -16.20
C ILE A 144 -20.44 9.27 -17.08
N GLU A 145 -19.25 9.26 -17.67
CA GLU A 145 -18.90 8.19 -18.55
C GLU A 145 -18.92 6.87 -17.83
N MET A 146 -18.35 6.82 -16.64
CA MET A 146 -18.23 5.57 -15.92
C MET A 146 -19.59 5.06 -15.44
N ALA A 147 -20.45 5.97 -15.01
CA ALA A 147 -21.79 5.58 -14.60
C ALA A 147 -22.54 4.99 -15.77
N ASN A 148 -22.47 5.61 -16.94
CA ASN A 148 -23.12 5.05 -18.13
C ASN A 148 -22.51 3.67 -18.51
N LEU A 149 -21.17 3.56 -18.47
CA LEU A 149 -20.53 2.30 -18.77
C LEU A 149 -21.07 1.19 -17.87
N PHE A 150 -21.15 1.52 -16.60
CA PHE A 150 -21.54 0.53 -15.59
C PHE A 150 -22.99 0.11 -15.76
N LYS A 151 -23.80 0.90 -16.40
CA LYS A 151 -25.20 0.52 -16.64
C LYS A 151 -25.21 -0.76 -17.49
N SER A 152 -24.23 -0.96 -18.37
CA SER A 152 -24.12 -2.28 -19.08
C SER A 152 -23.09 -3.23 -18.50
N LEU A 153 -22.00 -2.70 -17.98
CA LEU A 153 -20.90 -3.54 -17.50
C LEU A 153 -21.10 -4.19 -16.13
N ARG A 154 -21.67 -3.45 -15.17
CA ARG A 154 -21.76 -3.89 -13.77
C ARG A 154 -22.82 -4.95 -13.52
N MET B 1 11.46 -32.99 -11.77
CA MET B 1 10.90 -31.68 -11.49
C MET B 1 9.61 -31.44 -12.22
N GLN B 2 8.59 -30.89 -11.55
CA GLN B 2 7.33 -30.52 -12.22
C GLN B 2 7.51 -29.14 -12.82
N ILE B 3 7.23 -28.98 -14.10
CA ILE B 3 7.39 -27.68 -14.77
C ILE B 3 6.09 -27.27 -15.42
N TYR B 4 5.65 -26.05 -15.15
CA TYR B 4 4.42 -25.52 -15.71
C TYR B 4 4.79 -24.27 -16.49
N GLU B 5 4.25 -24.14 -17.70
CA GLU B 5 4.48 -22.97 -18.47
C GLU B 5 3.35 -22.81 -19.46
N GLY B 6 3.23 -21.60 -20.02
CA GLY B 6 2.21 -21.32 -20.98
C GLY B 6 2.77 -21.22 -22.39
N LYS B 7 2.13 -21.92 -23.34
CA LYS B 7 2.46 -21.74 -24.76
C LYS B 7 1.89 -20.43 -25.24
N LEU B 8 2.18 -20.09 -26.49
CA LEU B 8 1.77 -18.80 -27.00
C LEU B 8 0.71 -18.92 -28.07
N THR B 9 0.04 -20.06 -28.20
CA THR B 9 -1.05 -20.21 -29.16
C THR B 9 -2.30 -19.79 -28.44
N ALA B 10 -3.15 -19.01 -29.09
CA ALA B 10 -4.28 -18.45 -28.37
C ALA B 10 -5.63 -19.03 -28.75
N GLU B 11 -5.60 -20.17 -29.43
CA GLU B 11 -6.86 -20.82 -29.82
C GLU B 11 -7.76 -21.05 -28.62
N GLY B 12 -8.98 -20.59 -28.76
CA GLY B 12 -9.99 -20.77 -27.73
C GLY B 12 -9.91 -19.86 -26.51
N LEU B 13 -8.96 -18.96 -26.49
CA LEU B 13 -8.80 -18.13 -25.30
C LEU B 13 -9.67 -16.92 -25.47
N ARG B 14 -10.11 -16.39 -24.35
CA ARG B 14 -10.99 -15.24 -24.35
C ARG B 14 -10.36 -14.16 -23.51
N PHE B 15 -10.26 -12.96 -24.07
CA PHE B 15 -9.59 -11.84 -23.41
C PHE B 15 -10.43 -10.60 -23.24
N GLY B 16 -10.21 -9.96 -22.08
CA GLY B 16 -10.74 -8.65 -21.81
C GLY B 16 -9.61 -7.63 -21.95
N ILE B 17 -9.89 -6.52 -22.61
CA ILE B 17 -8.96 -5.39 -22.71
C ILE B 17 -9.70 -4.20 -22.12
N VAL B 18 -9.06 -3.50 -21.18
CA VAL B 18 -9.58 -2.25 -20.67
C VAL B 18 -8.63 -1.16 -21.13
N ALA B 19 -9.11 -0.22 -21.91
CA ALA B 19 -8.27 0.81 -22.51
C ALA B 19 -8.80 2.21 -22.19
N SER B 20 -7.94 3.06 -21.62
CA SER B 20 -8.35 4.42 -21.30
C SER B 20 -8.30 5.31 -22.54
N ARG B 21 -8.96 6.47 -22.45
CA ARG B 21 -9.02 7.42 -23.55
C ARG B 21 -8.01 8.58 -23.46
N PHE B 22 -7.50 8.88 -22.26
CA PHE B 22 -6.54 9.98 -22.13
C PHE B 22 -5.31 9.58 -22.98
N ASN B 23 -4.75 10.52 -23.76
CA ASN B 23 -3.62 10.19 -24.62
C ASN B 23 -4.01 9.13 -25.64
N HIS B 24 -5.25 9.21 -26.13
CA HIS B 24 -5.77 8.23 -27.09
C HIS B 24 -4.95 8.06 -28.36
N ALA B 25 -4.28 9.11 -28.80
CA ALA B 25 -3.51 8.97 -30.01
C ALA B 25 -2.44 7.91 -29.87
N LEU B 26 -1.99 7.68 -28.63
CA LEU B 26 -1.01 6.63 -28.33
C LEU B 26 -1.74 5.36 -27.86
N VAL B 27 -2.72 5.48 -26.99
CA VAL B 27 -3.43 4.30 -26.52
C VAL B 27 -4.00 3.52 -27.69
N ASP B 28 -4.55 4.21 -28.68
CA ASP B 28 -5.18 3.52 -29.79
C ASP B 28 -4.17 2.61 -30.52
N ARG B 29 -2.90 2.99 -30.53
CA ARG B 29 -1.86 2.16 -31.13
C ARG B 29 -1.61 0.91 -30.27
N LEU B 30 -1.62 1.09 -28.96
CA LEU B 30 -1.50 -0.02 -28.01
C LEU B 30 -2.64 -1.02 -28.19
N VAL B 31 -3.86 -0.51 -28.37
CA VAL B 31 -5.03 -1.40 -28.58
C VAL B 31 -4.88 -2.16 -29.90
N GLU B 32 -4.42 -1.48 -30.95
CA GLU B 32 -4.19 -2.15 -32.22
C GLU B 32 -3.18 -3.28 -32.03
N GLY B 33 -2.15 -3.03 -31.22
CA GLY B 33 -1.10 -4.04 -31.00
C GLY B 33 -1.62 -5.22 -30.23
N ALA B 34 -2.44 -4.96 -29.22
CA ALA B 34 -2.98 -6.04 -28.42
C ALA B 34 -3.89 -6.95 -29.26
N ILE B 35 -4.73 -6.35 -30.08
CA ILE B 35 -5.68 -7.12 -30.85
C ILE B 35 -4.94 -7.93 -31.89
N ASP B 36 -3.97 -7.29 -32.57
CA ASP B 36 -3.17 -8.01 -33.55
C ASP B 36 -2.46 -9.24 -32.95
N CYS B 37 -1.85 -9.05 -31.78
CA CYS B 37 -1.13 -10.10 -31.09
C CYS B 37 -2.09 -11.26 -30.85
N ILE B 38 -3.27 -10.97 -30.31
CA ILE B 38 -4.21 -12.05 -30.04
C ILE B 38 -4.60 -12.77 -31.32
N VAL B 39 -5.00 -12.01 -32.33
CA VAL B 39 -5.52 -12.61 -33.55
C VAL B 39 -4.48 -13.45 -34.30
N ARG B 40 -3.26 -12.92 -34.40
CA ARG B 40 -2.27 -13.65 -35.17
C ARG B 40 -1.64 -14.80 -34.39
N HIS B 41 -1.91 -14.88 -33.08
CA HIS B 41 -1.55 -16.09 -32.29
C HIS B 41 -2.67 -17.12 -32.23
N GLY B 42 -3.72 -16.86 -32.98
CA GLY B 42 -4.82 -17.84 -33.07
C GLY B 42 -6.11 -17.55 -32.33
N GLY B 43 -6.16 -16.44 -31.57
CA GLY B 43 -7.36 -16.05 -30.86
C GLY B 43 -8.37 -15.42 -31.81
N ARG B 44 -9.65 -15.53 -31.49
CA ARG B 44 -10.66 -14.96 -32.36
C ARG B 44 -10.96 -13.57 -31.88
N GLU B 45 -11.13 -12.63 -32.79
CA GLU B 45 -11.49 -11.28 -32.40
C GLU B 45 -12.85 -11.28 -31.71
N GLU B 46 -13.70 -12.22 -32.07
CA GLU B 46 -15.00 -12.28 -31.43
C GLU B 46 -14.92 -12.65 -29.97
N ASP B 47 -13.81 -13.22 -29.59
CA ASP B 47 -13.61 -13.61 -28.21
C ASP B 47 -12.91 -12.51 -27.46
N ILE B 48 -12.78 -11.32 -28.03
CA ILE B 48 -12.22 -10.19 -27.26
C ILE B 48 -13.36 -9.31 -26.78
N THR B 49 -13.30 -8.86 -25.53
CA THR B 49 -14.19 -7.84 -24.98
C THR B 49 -13.34 -6.64 -24.68
N LEU B 50 -13.66 -5.51 -25.31
CA LEU B 50 -12.97 -4.23 -25.11
C LEU B 50 -13.88 -3.27 -24.31
N VAL B 51 -13.33 -2.75 -23.22
CA VAL B 51 -14.03 -1.78 -22.38
C VAL B 51 -13.20 -0.50 -22.43
N ARG B 52 -13.85 0.60 -22.76
CA ARG B 52 -13.19 1.89 -22.77
C ARG B 52 -13.52 2.65 -21.49
N VAL B 53 -12.54 3.35 -20.94
CA VAL B 53 -12.75 4.20 -19.77
C VAL B 53 -12.02 5.55 -19.99
N PRO B 54 -12.37 6.56 -19.21
CA PRO B 54 -11.78 7.89 -19.42
C PRO B 54 -10.28 7.99 -19.25
N GLY B 55 -9.78 7.56 -18.12
CA GLY B 55 -8.35 7.69 -17.86
C GLY B 55 -7.78 6.49 -17.14
N SER B 56 -6.46 6.49 -16.93
CA SER B 56 -5.82 5.37 -16.28
C SER B 56 -6.42 5.12 -14.90
N TRP B 57 -6.83 6.20 -14.22
CA TRP B 57 -7.43 6.10 -12.90
C TRP B 57 -8.61 5.09 -12.88
N GLU B 58 -9.37 5.12 -13.96
CA GLU B 58 -10.58 4.34 -14.10
C GLU B 58 -10.38 2.92 -14.62
N ILE B 59 -9.17 2.59 -15.04
CA ILE B 59 -8.93 1.22 -15.51
C ILE B 59 -9.20 0.12 -14.46
N PRO B 60 -8.71 0.22 -13.23
CA PRO B 60 -8.93 -0.86 -12.27
C PRO B 60 -10.38 -1.22 -12.03
N VAL B 61 -11.24 -0.25 -11.76
CA VAL B 61 -12.63 -0.60 -11.46
C VAL B 61 -13.29 -1.33 -12.61
N ALA B 62 -12.99 -0.95 -13.85
CA ALA B 62 -13.50 -1.65 -15.02
C ALA B 62 -12.87 -3.01 -15.19
N ALA B 63 -11.56 -3.11 -14.93
CA ALA B 63 -10.88 -4.40 -15.01
C ALA B 63 -11.44 -5.39 -13.99
N GLY B 64 -11.84 -4.88 -12.83
CA GLY B 64 -12.43 -5.67 -11.76
C GLY B 64 -13.73 -6.34 -12.22
N GLU B 65 -14.50 -5.63 -13.04
CA GLU B 65 -15.75 -6.21 -13.54
C GLU B 65 -15.48 -7.26 -14.62
N LEU B 66 -14.53 -6.97 -15.53
CA LEU B 66 -14.18 -7.92 -16.56
C LEU B 66 -13.54 -9.18 -16.04
N ALA B 67 -12.63 -9.03 -15.07
CA ALA B 67 -11.91 -10.17 -14.55
C ALA B 67 -12.85 -11.10 -13.79
N ARG B 68 -13.98 -10.57 -13.32
CA ARG B 68 -14.94 -11.38 -12.59
C ARG B 68 -15.81 -12.26 -13.51
N LYS B 69 -15.74 -12.02 -14.81
CA LYS B 69 -16.49 -12.81 -15.78
C LYS B 69 -15.86 -14.19 -15.93
N GLU B 70 -16.69 -15.22 -15.74
CA GLU B 70 -16.15 -16.57 -15.79
C GLU B 70 -15.62 -16.96 -17.19
N ASP B 71 -16.13 -16.29 -18.21
CA ASP B 71 -15.76 -16.54 -19.58
C ASP B 71 -14.67 -15.59 -20.09
N ILE B 72 -13.95 -14.95 -19.18
CA ILE B 72 -12.77 -14.18 -19.54
C ILE B 72 -11.57 -14.87 -18.91
N ASP B 73 -10.57 -15.25 -19.72
CA ASP B 73 -9.41 -15.98 -19.21
C ASP B 73 -8.32 -15.09 -18.63
N ALA B 74 -8.22 -13.88 -19.16
CA ALA B 74 -7.21 -12.89 -18.71
C ALA B 74 -7.65 -11.50 -19.13
N VAL B 75 -7.21 -10.51 -18.39
CA VAL B 75 -7.48 -9.13 -18.72
C VAL B 75 -6.16 -8.41 -19.02
N ILE B 76 -6.20 -7.59 -20.07
CA ILE B 76 -5.08 -6.77 -20.49
C ILE B 76 -5.45 -5.28 -20.23
N ALA B 77 -4.67 -4.61 -19.37
CA ALA B 77 -4.88 -3.22 -19.04
C ALA B 77 -4.00 -2.36 -19.93
N ILE B 78 -4.61 -1.37 -20.57
CA ILE B 78 -3.95 -0.54 -21.56
C ILE B 78 -4.21 0.93 -21.33
N GLY B 79 -3.14 1.70 -21.17
CA GLY B 79 -3.24 3.11 -20.92
C GLY B 79 -1.93 3.80 -21.14
N VAL B 80 -1.96 5.13 -21.16
CA VAL B 80 -0.72 5.89 -21.32
C VAL B 80 -0.69 7.05 -20.34
N LEU B 81 0.24 6.98 -19.41
CA LEU B 81 0.52 8.04 -18.46
C LEU B 81 1.81 8.74 -18.88
N ILE B 82 1.75 10.06 -18.96
CA ILE B 82 2.87 10.90 -19.28
C ILE B 82 3.01 11.96 -18.18
N ARG B 83 4.17 12.07 -17.58
CA ARG B 83 4.38 12.98 -16.48
C ARG B 83 4.09 14.41 -16.96
N GLY B 84 3.32 15.11 -16.11
CA GLY B 84 3.08 16.52 -16.32
C GLY B 84 3.96 17.38 -15.41
N ALA B 85 3.45 18.55 -15.07
CA ALA B 85 4.19 19.49 -14.22
C ALA B 85 4.09 19.17 -12.73
N THR B 86 3.01 18.49 -12.33
CA THR B 86 2.76 18.22 -10.91
C THR B 86 2.96 16.74 -10.62
N PRO B 87 2.95 16.37 -9.36
CA PRO B 87 3.07 14.94 -9.01
C PRO B 87 1.84 14.09 -9.26
N HIS B 88 0.84 14.64 -9.94
CA HIS B 88 -0.36 13.89 -10.20
C HIS B 88 -0.07 12.52 -10.82
N PHE B 89 0.85 12.49 -11.80
CA PHE B 89 1.27 11.28 -12.47
C PHE B 89 1.62 10.19 -11.49
N ASP B 90 2.38 10.54 -10.46
CA ASP B 90 2.84 9.58 -9.48
C ASP B 90 1.69 8.88 -8.77
N TYR B 91 0.72 9.66 -8.33
CA TYR B 91 -0.41 9.09 -7.62
C TYR B 91 -1.30 8.23 -8.52
N ILE B 92 -1.55 8.66 -9.73
CA ILE B 92 -2.33 7.84 -10.67
C ILE B 92 -1.57 6.52 -11.03
N ALA B 93 -0.31 6.64 -11.41
CA ALA B 93 0.47 5.47 -11.75
C ALA B 93 0.56 4.50 -10.59
N SER B 94 0.69 5.01 -9.38
CA SER B 94 0.79 4.14 -8.23
C SER B 94 -0.51 3.40 -8.02
N GLU B 95 -1.62 4.11 -8.09
CA GLU B 95 -2.91 3.45 -7.85
C GLU B 95 -3.37 2.56 -8.97
N VAL B 96 -3.05 2.85 -10.21
CA VAL B 96 -3.48 1.98 -11.30
C VAL B 96 -2.71 0.67 -11.20
N SER B 97 -1.42 0.78 -10.93
CA SER B 97 -0.61 -0.43 -10.82
C SER B 97 -1.01 -1.25 -9.59
N LYS B 98 -1.20 -0.60 -8.46
CA LYS B 98 -1.56 -1.33 -7.26
C LYS B 98 -2.90 -2.01 -7.41
N GLY B 99 -3.87 -1.30 -8.00
CA GLY B 99 -5.21 -1.83 -8.16
C GLY B 99 -5.28 -3.07 -9.02
N LEU B 100 -4.64 -2.98 -10.17
CA LEU B 100 -4.61 -4.11 -11.07
C LEU B 100 -3.95 -5.31 -10.44
N ALA B 101 -2.83 -5.09 -9.75
CA ALA B 101 -2.11 -6.20 -9.15
C ALA B 101 -2.96 -6.84 -8.05
N ASN B 102 -3.56 -5.99 -7.24
CA ASN B 102 -4.43 -6.47 -6.16
C ASN B 102 -5.59 -7.28 -6.71
N LEU B 103 -6.22 -6.78 -7.77
CA LEU B 103 -7.36 -7.49 -8.35
C LEU B 103 -6.94 -8.85 -8.89
N SER B 104 -5.78 -8.90 -9.52
CA SER B 104 -5.30 -10.17 -10.03
C SER B 104 -5.18 -11.22 -8.93
N LEU B 105 -4.61 -10.82 -7.79
CA LEU B 105 -4.41 -11.73 -6.69
C LEU B 105 -5.72 -12.11 -6.06
N GLU B 106 -6.62 -11.13 -5.93
CA GLU B 106 -7.92 -11.36 -5.30
C GLU B 106 -8.78 -12.33 -6.12
N LEU B 107 -8.80 -12.12 -7.42
CA LEU B 107 -9.60 -12.94 -8.29
C LEU B 107 -8.88 -14.15 -8.84
N ARG B 108 -7.60 -14.32 -8.50
CA ARG B 108 -6.79 -15.44 -8.96
C ARG B 108 -6.92 -15.59 -10.46
N LYS B 109 -6.69 -14.48 -11.16
CA LYS B 109 -6.79 -14.45 -12.60
C LYS B 109 -5.74 -13.47 -13.16
N PRO B 110 -5.07 -13.82 -14.24
CA PRO B 110 -4.05 -12.92 -14.80
C PRO B 110 -4.63 -11.63 -15.32
N ILE B 111 -3.99 -10.53 -14.91
CA ILE B 111 -4.31 -9.21 -15.41
C ILE B 111 -2.93 -8.63 -15.75
N THR B 112 -2.70 -8.36 -17.04
CA THR B 112 -1.38 -7.90 -17.49
C THR B 112 -1.32 -6.40 -17.62
N PHE B 113 -0.10 -5.90 -17.59
CA PHE B 113 0.13 -4.46 -17.46
C PHE B 113 0.65 -3.85 -18.77
N GLY B 114 -0.26 -3.30 -19.54
CA GLY B 114 0.04 -2.60 -20.77
C GLY B 114 -0.13 -1.09 -20.62
N VAL B 115 0.20 -0.59 -19.45
CA VAL B 115 0.08 0.84 -19.18
C VAL B 115 1.47 1.49 -19.27
N ILE B 116 1.67 2.38 -20.23
CA ILE B 116 2.94 3.10 -20.29
C ILE B 116 2.97 4.14 -19.16
N THR B 117 4.12 4.26 -18.52
CA THR B 117 4.30 5.24 -17.44
C THR B 117 5.57 5.98 -17.81
N ALA B 118 5.40 7.00 -18.64
CA ALA B 118 6.52 7.73 -19.22
C ALA B 118 6.79 9.08 -18.60
N ASP B 119 8.05 9.45 -18.52
CA ASP B 119 8.38 10.81 -18.07
C ASP B 119 8.12 11.83 -19.18
N THR B 120 8.26 11.41 -20.44
CA THR B 120 8.12 12.34 -21.55
C THR B 120 7.22 11.81 -22.64
N LEU B 121 6.72 12.70 -23.48
CA LEU B 121 5.93 12.31 -24.63
C LEU B 121 6.75 11.44 -25.59
N GLU B 122 8.00 11.82 -25.83
CA GLU B 122 8.87 11.02 -26.64
C GLU B 122 8.95 9.56 -26.16
N GLN B 123 9.10 9.33 -24.87
CA GLN B 123 9.20 7.97 -24.33
C GLN B 123 7.92 7.19 -24.57
N ALA B 124 6.80 7.87 -24.47
CA ALA B 124 5.51 7.23 -24.71
C ALA B 124 5.38 6.84 -26.18
N ILE B 125 5.77 7.73 -27.08
CA ILE B 125 5.71 7.41 -28.51
C ILE B 125 6.60 6.21 -28.79
N GLU B 126 7.78 6.17 -28.20
CA GLU B 126 8.74 5.07 -28.40
C GLU B 126 8.12 3.73 -28.06
N ARG B 127 7.22 3.72 -27.08
CA ARG B 127 6.65 2.49 -26.57
C ARG B 127 5.25 2.18 -27.09
N ALA B 128 4.74 3.02 -27.99
CA ALA B 128 3.43 2.83 -28.56
C ALA B 128 3.48 2.56 -30.08
N GLY B 129 4.34 1.61 -30.46
CA GLY B 129 4.49 1.23 -31.85
C GLY B 129 5.65 1.82 -32.61
N THR B 130 6.65 2.35 -31.91
CA THR B 130 7.84 2.80 -32.60
C THR B 130 9.08 2.09 -32.08
N LYS B 131 10.17 2.81 -31.83
CA LYS B 131 11.46 2.16 -31.61
C LYS B 131 11.57 1.18 -30.46
N HIS B 132 10.77 1.35 -29.44
CA HIS B 132 10.81 0.43 -28.32
C HIS B 132 9.62 -0.47 -28.27
N GLY B 133 9.06 -0.74 -29.45
CA GLY B 133 7.96 -1.69 -29.59
C GLY B 133 6.60 -1.11 -29.24
N ASN B 134 5.72 -2.02 -28.82
CA ASN B 134 4.32 -1.73 -28.55
C ASN B 134 3.88 -2.44 -27.27
N LYS B 135 3.67 -1.67 -26.21
CA LYS B 135 3.36 -2.18 -24.87
C LYS B 135 2.06 -2.94 -24.85
N GLY B 136 1.14 -2.59 -25.75
CA GLY B 136 -0.12 -3.32 -25.88
C GLY B 136 0.11 -4.74 -26.39
N TRP B 137 0.95 -4.84 -27.42
CA TRP B 137 1.34 -6.15 -27.94
C TRP B 137 2.02 -6.98 -26.84
N GLU B 138 2.95 -6.37 -26.10
CA GLU B 138 3.64 -7.08 -25.00
C GLU B 138 2.67 -7.58 -23.93
N ALA B 139 1.75 -6.71 -23.50
CA ALA B 139 0.81 -7.12 -22.47
C ALA B 139 -0.16 -8.22 -22.97
N ALA B 140 -0.54 -8.16 -24.23
CA ALA B 140 -1.38 -9.19 -24.81
C ALA B 140 -0.65 -10.51 -24.88
N LEU B 141 0.61 -10.49 -25.32
CA LEU B 141 1.38 -11.72 -25.38
C LEU B 141 1.50 -12.35 -23.99
N SER B 142 1.77 -11.50 -23.00
CA SER B 142 1.83 -11.98 -21.62
C SER B 142 0.52 -12.64 -21.19
N ALA B 143 -0.59 -12.05 -21.58
CA ALA B 143 -1.91 -12.55 -21.21
C ALA B 143 -2.19 -13.90 -21.84
N ILE B 144 -1.76 -14.08 -23.10
CA ILE B 144 -1.87 -15.34 -23.79
C ILE B 144 -1.13 -16.41 -22.99
N GLU B 145 0.11 -16.09 -22.65
CA GLU B 145 0.92 -17.04 -21.93
C GLU B 145 0.30 -17.40 -20.59
N MET B 146 -0.16 -16.39 -19.86
CA MET B 146 -0.69 -16.61 -18.54
C MET B 146 -2.00 -17.38 -18.59
N ALA B 147 -2.82 -17.09 -19.59
CA ALA B 147 -4.08 -17.81 -19.73
C ALA B 147 -3.78 -19.29 -19.98
N ASN B 148 -2.83 -19.58 -20.88
CA ASN B 148 -2.45 -20.96 -21.13
C ASN B 148 -1.84 -21.63 -19.88
N LEU B 149 -0.96 -20.91 -19.18
CA LEU B 149 -0.39 -21.42 -17.95
C LEU B 149 -1.47 -21.80 -16.95
N PHE B 150 -2.47 -20.94 -16.81
CA PHE B 150 -3.52 -21.13 -15.83
C PHE B 150 -4.42 -22.33 -16.15
N LYS B 151 -4.51 -22.68 -17.43
CA LYS B 151 -5.26 -23.86 -17.83
C LYS B 151 -4.75 -25.10 -17.09
N SER B 152 -3.45 -25.14 -16.73
CA SER B 152 -2.99 -26.31 -15.93
C SER B 152 -2.73 -25.92 -14.45
N LEU B 153 -2.32 -24.68 -14.23
CA LEU B 153 -1.96 -24.27 -12.87
C LEU B 153 -3.12 -23.92 -11.95
N ARG B 154 -4.17 -23.28 -12.48
CA ARG B 154 -5.29 -22.78 -11.65
C ARG B 154 -6.24 -23.89 -11.14
N MET C 1 14.28 -19.41 27.83
CA MET C 1 13.75 -18.73 26.67
C MET C 1 13.38 -19.75 25.57
N GLN C 2 12.23 -19.60 24.94
CA GLN C 2 11.86 -20.48 23.85
C GLN C 2 12.52 -19.96 22.58
N ILE C 3 13.25 -20.81 21.86
CA ILE C 3 13.92 -20.37 20.65
C ILE C 3 13.51 -21.23 19.47
N TYR C 4 13.07 -20.61 18.39
CA TYR C 4 12.70 -21.32 17.17
C TYR C 4 13.61 -20.88 16.07
N GLU C 5 14.13 -21.84 15.31
CA GLU C 5 14.95 -21.50 14.18
C GLU C 5 14.90 -22.62 13.16
N GLY C 6 15.28 -22.30 11.93
CA GLY C 6 15.31 -23.26 10.86
C GLY C 6 16.73 -23.72 10.57
N LYS C 7 16.92 -25.03 10.50
CA LYS C 7 18.16 -25.61 10.00
C LYS C 7 18.21 -25.46 8.48
N LEU C 8 19.33 -25.83 7.89
CA LEU C 8 19.53 -25.66 6.47
C LEU C 8 19.57 -26.97 5.70
N THR C 9 19.17 -28.07 6.31
CA THR C 9 19.07 -29.33 5.60
C THR C 9 17.69 -29.40 4.98
N ALA C 10 17.62 -29.78 3.71
CA ALA C 10 16.38 -29.69 2.99
C ALA C 10 15.68 -31.04 2.71
N GLU C 11 16.15 -32.09 3.37
CA GLU C 11 15.52 -33.40 3.19
C GLU C 11 14.00 -33.32 3.44
N GLY C 12 13.26 -33.83 2.48
CA GLY C 12 11.83 -33.90 2.54
C GLY C 12 11.05 -32.63 2.23
N LEU C 13 11.75 -31.53 1.99
CA LEU C 13 11.08 -30.24 1.77
C LEU C 13 10.70 -30.15 0.32
N ARG C 14 9.61 -29.43 0.05
CA ARG C 14 9.06 -29.30 -1.26
C ARG C 14 8.94 -27.84 -1.57
N PHE C 15 9.51 -27.44 -2.69
CA PHE C 15 9.58 -26.02 -3.06
C PHE C 15 8.94 -25.69 -4.38
N GLY C 16 8.33 -24.52 -4.40
CA GLY C 16 7.83 -23.92 -5.62
C GLY C 16 8.74 -22.75 -6.00
N ILE C 17 9.09 -22.67 -7.28
CA ILE C 17 9.88 -21.57 -7.80
C ILE C 17 9.05 -20.93 -8.89
N VAL C 18 8.86 -19.61 -8.85
CA VAL C 18 8.20 -18.91 -9.93
C VAL C 18 9.27 -18.04 -10.52
N ALA C 19 9.53 -18.20 -11.82
CA ALA C 19 10.62 -17.50 -12.49
C ALA C 19 10.11 -16.83 -13.76
N SER C 20 10.37 -15.52 -13.87
CA SER C 20 9.97 -14.78 -15.05
C SER C 20 10.96 -14.92 -16.20
N ARG C 21 10.48 -14.63 -17.40
CA ARG C 21 11.30 -14.75 -18.61
C ARG C 21 12.00 -13.47 -19.07
N PHE C 22 11.50 -12.32 -18.65
CA PHE C 22 12.13 -11.07 -19.07
C PHE C 22 13.55 -11.08 -18.47
N ASN C 23 14.57 -10.68 -19.23
CA ASN C 23 15.96 -10.73 -18.77
C ASN C 23 16.39 -12.15 -18.45
N HIS C 24 15.90 -13.10 -19.27
CA HIS C 24 16.16 -14.51 -19.02
C HIS C 24 17.62 -14.91 -18.96
N ALA C 25 18.47 -14.20 -19.66
CA ALA C 25 19.87 -14.57 -19.64
C ALA C 25 20.44 -14.45 -18.24
N LEU C 26 19.82 -13.59 -17.43
CA LEU C 26 20.20 -13.44 -16.03
C LEU C 26 19.30 -14.30 -15.15
N VAL C 27 18.00 -14.28 -15.40
CA VAL C 27 17.09 -15.10 -14.58
C VAL C 27 17.49 -16.57 -14.61
N ASP C 28 17.87 -17.06 -15.79
CA ASP C 28 18.23 -18.48 -15.89
C ASP C 28 19.40 -18.85 -14.98
N ARG C 29 20.31 -17.92 -14.71
CA ARG C 29 21.39 -18.17 -13.76
C ARG C 29 20.86 -18.24 -12.31
N LEU C 30 19.91 -17.36 -12.00
CA LEU C 30 19.24 -17.39 -10.69
C LEU C 30 18.50 -18.71 -10.47
N VAL C 31 17.84 -19.23 -11.49
CA VAL C 31 17.13 -20.50 -11.37
C VAL C 31 18.13 -21.63 -11.14
N GLU C 32 19.23 -21.62 -11.89
CA GLU C 32 20.27 -22.61 -11.69
C GLU C 32 20.76 -22.57 -10.23
N GLY C 33 20.94 -21.36 -9.70
CA GLY C 33 21.40 -21.20 -8.32
C GLY C 33 20.41 -21.74 -7.31
N ALA C 34 19.12 -21.42 -7.51
CA ALA C 34 18.11 -21.90 -6.58
C ALA C 34 18.07 -23.44 -6.56
N ILE C 35 18.09 -24.05 -7.73
CA ILE C 35 17.97 -25.49 -7.80
C ILE C 35 19.18 -26.14 -7.17
N ASP C 36 20.37 -25.62 -7.49
CA ASP C 36 21.59 -26.14 -6.91
C ASP C 36 21.55 -26.07 -5.39
N CYS C 37 21.11 -24.93 -4.85
CA CYS C 37 21.05 -24.77 -3.43
C CYS C 37 20.15 -25.85 -2.82
N ILE C 38 18.97 -26.04 -3.39
CA ILE C 38 18.05 -26.99 -2.83
C ILE C 38 18.67 -28.40 -2.87
N VAL C 39 19.16 -28.79 -4.04
CA VAL C 39 19.66 -30.16 -4.23
C VAL C 39 20.86 -30.48 -3.36
N ARG C 40 21.81 -29.56 -3.26
CA ARG C 40 23.00 -29.85 -2.49
C ARG C 40 22.79 -29.69 -0.98
N HIS C 41 21.66 -29.12 -0.57
CA HIS C 41 21.25 -29.11 0.85
C HIS C 41 20.37 -30.32 1.19
N GLY C 42 20.22 -31.23 0.24
CA GLY C 42 19.45 -32.46 0.49
C GLY C 42 18.03 -32.57 -0.02
N GLY C 43 17.55 -31.52 -0.68
CA GLY C 43 16.23 -31.54 -1.31
C GLY C 43 16.26 -32.33 -2.60
N ARG C 44 15.15 -32.95 -2.93
CA ARG C 44 15.12 -33.72 -4.16
C ARG C 44 14.64 -32.82 -5.27
N GLU C 45 15.26 -32.90 -6.42
CA GLU C 45 14.83 -32.09 -7.56
C GLU C 45 13.40 -32.46 -7.93
N GLU C 46 13.00 -33.70 -7.68
CA GLU C 46 11.62 -34.06 -7.99
C GLU C 46 10.56 -33.34 -7.15
N ASP C 47 11.01 -32.83 -6.02
CA ASP C 47 10.14 -32.12 -5.12
C ASP C 47 10.15 -30.63 -5.38
N ILE C 48 10.73 -30.22 -6.52
CA ILE C 48 10.65 -28.83 -6.97
C ILE C 48 9.59 -28.69 -8.05
N THR C 49 8.78 -27.64 -7.95
CA THR C 49 7.83 -27.30 -8.97
C THR C 49 8.27 -25.94 -9.49
N LEU C 50 8.54 -25.86 -10.78
CA LEU C 50 8.96 -24.62 -11.44
C LEU C 50 7.83 -24.10 -12.32
N VAL C 51 7.47 -22.84 -12.13
CA VAL C 51 6.46 -22.18 -12.92
C VAL C 51 7.13 -20.98 -13.62
N ARG C 52 6.98 -20.93 -14.92
CA ARG C 52 7.51 -19.82 -15.70
C ARG C 52 6.40 -18.82 -16.04
N VAL C 53 6.74 -17.53 -15.97
CA VAL C 53 5.80 -16.47 -16.32
C VAL C 53 6.55 -15.44 -17.17
N PRO C 54 5.83 -14.60 -17.88
CA PRO C 54 6.46 -13.63 -18.78
C PRO C 54 7.39 -12.61 -18.12
N GLY C 55 6.90 -11.90 -17.13
CA GLY C 55 7.67 -10.85 -16.47
C GLY C 55 7.46 -10.82 -14.97
N SER C 56 8.23 -9.97 -14.31
CA SER C 56 8.11 -9.83 -12.87
C SER C 56 6.69 -9.50 -12.49
N TRP C 57 5.99 -8.73 -13.32
CA TRP C 57 4.61 -8.35 -13.03
C TRP C 57 3.73 -9.56 -12.72
N GLU C 58 3.98 -10.63 -13.47
CA GLU C 58 3.20 -11.85 -13.41
C GLU C 58 3.64 -12.83 -12.34
N ILE C 59 4.75 -12.59 -11.69
CA ILE C 59 5.17 -13.50 -10.62
C ILE C 59 4.15 -13.68 -9.49
N PRO C 60 3.59 -12.60 -8.91
CA PRO C 60 2.68 -12.77 -7.79
C PRO C 60 1.49 -13.67 -8.02
N VAL C 61 0.76 -13.48 -9.11
CA VAL C 61 -0.44 -14.29 -9.34
C VAL C 61 -0.10 -15.77 -9.47
N ALA C 62 1.05 -16.10 -10.10
CA ALA C 62 1.50 -17.49 -10.16
C ALA C 62 1.96 -18.01 -8.82
N ALA C 63 2.67 -17.16 -8.06
CA ALA C 63 3.10 -17.54 -6.72
C ALA C 63 1.91 -17.84 -5.80
N GLY C 64 0.82 -17.09 -5.99
CA GLY C 64 -0.41 -17.27 -5.22
C GLY C 64 -0.99 -18.66 -5.45
N GLU C 65 -0.89 -19.16 -6.68
CA GLU C 65 -1.41 -20.50 -6.95
C GLU C 65 -0.49 -21.57 -6.33
N LEU C 66 0.83 -21.38 -6.45
CA LEU C 66 1.74 -22.35 -5.87
C LEU C 66 1.70 -22.38 -4.38
N ALA C 67 1.63 -21.20 -3.74
CA ALA C 67 1.67 -21.15 -2.31
C ALA C 67 0.40 -21.77 -1.71
N ARG C 68 -0.67 -21.83 -2.50
CA ARG C 68 -1.92 -22.43 -2.00
C ARG C 68 -1.89 -23.94 -1.99
N LYS C 69 -0.88 -24.53 -2.61
CA LYS C 69 -0.76 -25.99 -2.66
C LYS C 69 -0.32 -26.52 -1.31
N GLU C 70 -1.06 -27.49 -0.78
CA GLU C 70 -0.74 -27.99 0.54
C GLU C 70 0.59 -28.71 0.60
N ASP C 71 1.02 -29.23 -0.55
CA ASP C 71 2.27 -29.97 -0.65
C ASP C 71 3.46 -29.11 -1.09
N ILE C 72 3.31 -27.80 -0.99
CA ILE C 72 4.45 -26.91 -1.24
C ILE C 72 4.76 -26.24 0.09
N ASP C 73 6.00 -26.35 0.57
CA ASP C 73 6.37 -25.83 1.88
C ASP C 73 6.80 -24.35 1.88
N ALA C 74 7.31 -23.90 0.74
CA ALA C 74 7.73 -22.52 0.56
C ALA C 74 7.82 -22.23 -0.94
N VAL C 75 7.67 -20.97 -1.27
CA VAL C 75 7.78 -20.52 -2.64
C VAL C 75 8.93 -19.50 -2.74
N ILE C 76 9.71 -19.67 -3.80
CA ILE C 76 10.84 -18.80 -4.11
C ILE C 76 10.55 -18.02 -5.40
N ALA C 77 10.50 -16.69 -5.30
CA ALA C 77 10.20 -15.83 -6.44
C ALA C 77 11.50 -15.39 -7.04
N ILE C 78 11.64 -15.54 -8.34
CA ILE C 78 12.86 -15.28 -9.06
C ILE C 78 12.55 -14.42 -10.30
N GLY C 79 13.22 -13.30 -10.38
CA GLY C 79 13.08 -12.40 -11.53
C GLY C 79 14.18 -11.38 -11.58
N VAL C 80 14.27 -10.66 -12.69
CA VAL C 80 15.27 -9.61 -12.80
C VAL C 80 14.65 -8.35 -13.37
N LEU C 81 14.66 -7.32 -12.53
CA LEU C 81 14.24 -5.98 -12.97
C LEU C 81 15.47 -5.10 -13.10
N ILE C 82 15.57 -4.43 -14.27
CA ILE C 82 16.60 -3.47 -14.51
C ILE C 82 15.94 -2.16 -14.93
N ARG C 83 16.33 -1.08 -14.27
CA ARG C 83 15.74 0.21 -14.53
C ARG C 83 16.02 0.60 -15.98
N GLY C 84 14.93 1.05 -16.64
CA GLY C 84 14.98 1.57 -17.98
C GLY C 84 14.99 3.10 -17.95
N ALA C 85 14.50 3.72 -19.01
CA ALA C 85 14.42 5.19 -19.12
C ALA C 85 13.25 5.82 -18.37
N THR C 86 12.19 5.04 -18.17
CA THR C 86 10.98 5.55 -17.55
C THR C 86 10.81 4.99 -16.15
N PRO C 87 9.86 5.53 -15.42
CA PRO C 87 9.59 5.00 -14.07
C PRO C 87 8.90 3.65 -14.02
N HIS C 88 8.70 3.01 -15.17
CA HIS C 88 8.03 1.71 -15.18
C HIS C 88 8.59 0.73 -14.15
N PHE C 89 9.91 0.66 -14.08
CA PHE C 89 10.62 -0.18 -13.12
C PHE C 89 10.11 0.00 -11.70
N ASP C 90 9.91 1.24 -11.30
CA ASP C 90 9.42 1.54 -9.95
C ASP C 90 8.08 0.88 -9.67
N TYR C 91 7.15 1.03 -10.60
CA TYR C 91 5.80 0.52 -10.37
C TYR C 91 5.81 -1.01 -10.41
N ILE C 92 6.55 -1.64 -11.32
CA ILE C 92 6.62 -3.11 -11.30
C ILE C 92 7.32 -3.63 -10.00
N ALA C 93 8.48 -3.09 -9.67
CA ALA C 93 9.18 -3.51 -8.48
C ALA C 93 8.34 -3.34 -7.22
N SER C 94 7.59 -2.25 -7.16
CA SER C 94 6.74 -2.02 -5.99
C SER C 94 5.64 -3.06 -5.89
N GLU C 95 4.99 -3.32 -7.01
CA GLU C 95 3.89 -4.27 -6.99
C GLU C 95 4.32 -5.73 -6.87
N VAL C 96 5.47 -6.10 -7.39
CA VAL C 96 5.91 -7.47 -7.27
C VAL C 96 6.28 -7.74 -5.82
N SER C 97 6.97 -6.78 -5.21
CA SER C 97 7.35 -6.94 -3.83
C SER C 97 6.13 -6.92 -2.90
N LYS C 98 5.21 -5.98 -3.09
CA LYS C 98 4.03 -5.91 -2.24
C LYS C 98 3.17 -7.17 -2.38
N GLY C 99 3.01 -7.66 -3.60
CA GLY C 99 2.17 -8.81 -3.83
C GLY C 99 2.68 -10.08 -3.17
N LEU C 100 3.96 -10.33 -3.33
CA LEU C 100 4.58 -11.49 -2.74
C LEU C 100 4.51 -11.43 -1.21
N ALA C 101 4.77 -10.27 -0.64
CA ALA C 101 4.74 -10.14 0.80
C ALA C 101 3.32 -10.31 1.35
N ASN C 102 2.37 -9.70 0.66
CA ASN C 102 0.96 -9.82 1.05
C ASN C 102 0.51 -11.27 0.99
N LEU C 103 0.86 -11.95 -0.11
CA LEU C 103 0.48 -13.36 -0.23
C LEU C 103 1.07 -14.25 0.87
N SER C 104 2.32 -13.99 1.21
CA SER C 104 2.94 -14.73 2.30
C SER C 104 2.13 -14.62 3.60
N LEU C 105 1.76 -13.40 3.93
CA LEU C 105 0.99 -13.14 5.14
C LEU C 105 -0.38 -13.73 5.06
N GLU C 106 -1.05 -13.58 3.91
CA GLU C 106 -2.41 -14.08 3.73
C GLU C 106 -2.45 -15.59 3.84
N LEU C 107 -1.48 -16.26 3.21
CA LEU C 107 -1.45 -17.70 3.21
C LEU C 107 -0.63 -18.33 4.33
N ARG C 108 -0.03 -17.48 5.18
CA ARG C 108 0.79 -17.95 6.28
C ARG C 108 1.77 -19.02 5.82
N LYS C 109 2.51 -18.67 4.78
CA LYS C 109 3.50 -19.56 4.18
C LYS C 109 4.68 -18.75 3.65
N PRO C 110 5.89 -19.19 3.88
CA PRO C 110 7.05 -18.40 3.44
C PRO C 110 7.13 -18.29 1.93
N ILE C 111 7.34 -17.06 1.47
CA ILE C 111 7.58 -16.76 0.06
C ILE C 111 8.80 -15.87 0.06
N THR C 112 9.90 -16.34 -0.54
CA THR C 112 11.17 -15.61 -0.46
C THR C 112 11.41 -14.79 -1.71
N PHE C 113 12.28 -13.80 -1.58
CA PHE C 113 12.41 -12.75 -2.59
C PHE C 113 13.76 -12.86 -3.30
N GLY C 114 13.74 -13.56 -4.45
CA GLY C 114 14.92 -13.71 -5.31
C GLY C 114 14.77 -12.85 -6.57
N VAL C 115 14.19 -11.66 -6.41
CA VAL C 115 13.99 -10.75 -7.51
C VAL C 115 15.04 -9.66 -7.42
N ILE C 116 15.90 -9.58 -8.42
CA ILE C 116 16.89 -8.51 -8.48
C ILE C 116 16.13 -7.24 -8.90
N THR C 117 16.44 -6.15 -8.22
CA THR C 117 15.88 -4.83 -8.59
C THR C 117 17.08 -3.90 -8.77
N ALA C 118 17.61 -3.87 -9.98
CA ALA C 118 18.89 -3.19 -10.26
C ALA C 118 18.72 -1.90 -11.01
N ASP C 119 19.54 -0.91 -10.69
CA ASP C 119 19.55 0.34 -11.50
C ASP C 119 20.23 0.09 -12.85
N THR C 120 21.21 -0.79 -12.86
CA THR C 120 21.99 -1.03 -14.09
C THR C 120 22.13 -2.49 -14.46
N LEU C 121 22.44 -2.73 -15.73
CA LEU C 121 22.69 -4.10 -16.18
C LEU C 121 23.88 -4.67 -15.40
N GLU C 122 24.91 -3.86 -15.22
CA GLU C 122 26.08 -4.30 -14.50
C GLU C 122 25.71 -4.85 -13.11
N GLN C 123 24.88 -4.12 -12.38
CA GLN C 123 24.43 -4.54 -11.06
C GLN C 123 23.66 -5.83 -11.08
N ALA C 124 22.88 -6.04 -12.14
CA ALA C 124 22.14 -7.28 -12.27
C ALA C 124 23.10 -8.44 -12.51
N ILE C 125 24.09 -8.23 -13.37
CA ILE C 125 25.07 -9.28 -13.66
C ILE C 125 25.80 -9.66 -12.40
N GLU C 126 26.16 -8.66 -11.60
CA GLU C 126 26.89 -8.85 -10.36
C GLU C 126 26.13 -9.77 -9.40
N ARG C 127 24.81 -9.72 -9.45
CA ARG C 127 23.96 -10.47 -8.52
C ARG C 127 23.36 -11.75 -9.07
N ALA C 128 23.72 -12.09 -10.32
CA ALA C 128 23.21 -13.27 -10.98
C ALA C 128 24.33 -14.30 -11.26
N GLY C 129 25.13 -14.58 -10.24
CA GLY C 129 26.20 -15.52 -10.35
C GLY C 129 27.57 -14.94 -10.60
N THR C 130 27.79 -13.67 -10.28
CA THR C 130 29.13 -13.14 -10.38
C THR C 130 29.59 -12.55 -9.04
N LYS C 131 30.19 -11.36 -9.05
CA LYS C 131 30.89 -10.87 -7.86
C LYS C 131 30.08 -10.68 -6.60
N HIS C 132 28.79 -10.43 -6.74
CA HIS C 132 27.95 -10.29 -5.57
C HIS C 132 27.03 -11.48 -5.37
N GLY C 133 27.46 -12.64 -5.83
CA GLY C 133 26.73 -13.87 -5.60
C GLY C 133 25.57 -14.11 -6.54
N ASN C 134 24.61 -14.88 -6.04
CA ASN C 134 23.51 -15.35 -6.86
C ASN C 134 22.23 -15.23 -6.00
N LYS C 135 21.41 -14.25 -6.36
CA LYS C 135 20.18 -13.96 -5.60
C LYS C 135 19.20 -15.14 -5.58
N GLY C 136 19.25 -16.01 -6.59
CA GLY C 136 18.42 -17.22 -6.60
C GLY C 136 18.85 -18.20 -5.52
N TRP C 137 20.16 -18.38 -5.41
CA TRP C 137 20.73 -19.23 -4.36
C TRP C 137 20.33 -18.67 -2.99
N GLU C 138 20.45 -17.35 -2.81
CA GLU C 138 20.12 -16.69 -1.52
C GLU C 138 18.64 -16.91 -1.17
N ALA C 139 17.77 -16.69 -2.14
CA ALA C 139 16.35 -16.85 -1.89
C ALA C 139 15.98 -18.32 -1.61
N ALA C 140 16.65 -19.24 -2.28
CA ALA C 140 16.40 -20.64 -2.03
C ALA C 140 16.88 -21.03 -0.65
N LEU C 141 18.07 -20.56 -0.25
CA LEU C 141 18.54 -20.86 1.10
C LEU C 141 17.55 -20.34 2.15
N SER C 142 17.06 -19.12 1.94
CA SER C 142 16.08 -18.56 2.84
C SER C 142 14.83 -19.43 2.94
N ALA C 143 14.36 -19.96 1.81
CA ALA C 143 13.17 -20.77 1.77
C ALA C 143 13.37 -22.08 2.51
N ILE C 144 14.56 -22.67 2.40
CA ILE C 144 14.91 -23.88 3.15
C ILE C 144 14.79 -23.58 4.65
N GLU C 145 15.43 -22.50 5.08
CA GLU C 145 15.41 -22.14 6.49
C GLU C 145 13.98 -21.92 6.96
N MET C 146 13.22 -21.15 6.17
CA MET C 146 11.86 -20.82 6.57
C MET C 146 10.95 -22.03 6.62
N ALA C 147 11.09 -22.91 5.65
CA ALA C 147 10.28 -24.13 5.63
C ALA C 147 10.57 -24.95 6.86
N ASN C 148 11.84 -25.09 7.19
CA ASN C 148 12.20 -25.80 8.40
C ASN C 148 11.70 -25.12 9.67
N LEU C 149 11.83 -23.80 9.74
CA LEU C 149 11.32 -23.05 10.87
C LEU C 149 9.82 -23.32 11.05
N PHE C 150 9.10 -23.27 9.94
CA PHE C 150 7.67 -23.40 9.99
C PHE C 150 7.23 -24.80 10.41
N LYS C 151 8.05 -25.82 10.19
CA LYS C 151 7.71 -27.14 10.70
C LYS C 151 7.47 -27.14 12.22
N SER C 152 8.11 -26.25 12.95
CA SER C 152 7.77 -26.14 14.39
C SER C 152 6.91 -24.91 14.73
N LEU C 153 7.10 -23.82 13.98
CA LEU C 153 6.38 -22.57 14.28
C LEU C 153 4.92 -22.48 13.81
N ARG C 154 4.62 -23.04 12.63
CA ARG C 154 3.29 -22.91 12.01
C ARG C 154 2.21 -23.78 12.67
N MET D 1 -11.75 13.42 32.22
CA MET D 1 -11.13 12.79 31.06
C MET D 1 -10.67 11.38 31.39
N GLN D 2 -10.98 10.41 30.50
CA GLN D 2 -10.49 9.04 30.68
C GLN D 2 -9.08 8.98 30.09
N ILE D 3 -8.11 8.51 30.85
CA ILE D 3 -6.74 8.42 30.37
C ILE D 3 -6.22 7.00 30.49
N TYR D 4 -5.71 6.46 29.37
CA TYR D 4 -5.16 5.13 29.35
C TYR D 4 -3.71 5.26 29.00
N GLU D 5 -2.86 4.57 29.74
CA GLU D 5 -1.43 4.54 29.44
C GLU D 5 -0.83 3.25 29.96
N GLY D 6 0.34 2.93 29.43
CA GLY D 6 1.06 1.78 29.89
C GLY D 6 2.24 2.11 30.77
N LYS D 7 2.34 1.43 31.91
CA LYS D 7 3.54 1.53 32.76
C LYS D 7 4.69 0.74 32.12
N LEU D 8 5.88 0.81 32.72
CA LEU D 8 7.06 0.20 32.14
C LEU D 8 7.57 -0.98 32.96
N THR D 9 6.75 -1.47 33.88
CA THR D 9 7.12 -2.68 34.63
C THR D 9 6.62 -3.85 33.82
N ALA D 10 7.45 -4.87 33.67
CA ALA D 10 7.12 -5.96 32.77
C ALA D 10 6.78 -7.28 33.44
N GLU D 11 6.55 -7.22 34.74
CA GLU D 11 6.17 -8.44 35.47
C GLU D 11 4.98 -9.12 34.79
N GLY D 12 5.15 -10.41 34.51
CA GLY D 12 4.12 -11.23 33.93
C GLY D 12 3.90 -11.11 32.44
N LEU D 13 4.64 -10.22 31.80
CA LEU D 13 4.42 -10.00 30.38
C LEU D 13 5.20 -11.01 29.60
N ARG D 14 4.67 -11.37 28.45
CA ARG D 14 5.24 -12.37 27.59
C ARG D 14 5.47 -11.78 26.21
N PHE D 15 6.70 -11.89 25.72
CA PHE D 15 7.10 -11.27 24.46
C PHE D 15 7.59 -12.20 23.39
N GLY D 16 7.27 -11.87 22.15
CA GLY D 16 7.88 -12.52 21.02
C GLY D 16 8.88 -11.59 20.36
N ILE D 17 10.03 -12.11 19.99
CA ILE D 17 11.03 -11.35 19.26
C ILE D 17 11.30 -12.10 17.97
N VAL D 18 11.21 -11.42 16.85
CA VAL D 18 11.59 -12.02 15.59
C VAL D 18 12.82 -11.26 15.13
N ALA D 19 13.92 -11.97 14.94
CA ALA D 19 15.20 -11.34 14.62
C ALA D 19 15.83 -11.96 13.38
N SER D 20 16.18 -11.14 12.40
CA SER D 20 16.77 -11.64 11.19
C SER D 20 18.28 -11.83 11.33
N ARG D 21 18.83 -12.63 10.44
CA ARG D 21 20.26 -12.97 10.51
C ARG D 21 21.16 -12.09 9.63
N PHE D 22 20.57 -11.47 8.60
CA PHE D 22 21.38 -10.62 7.72
C PHE D 22 21.95 -9.51 8.58
N ASN D 23 23.22 -9.16 8.43
CA ASN D 23 23.84 -8.15 9.29
C ASN D 23 23.84 -8.49 10.77
N HIS D 24 24.05 -9.77 11.04
CA HIS D 24 23.91 -10.29 12.41
C HIS D 24 24.85 -9.67 13.42
N ALA D 25 26.01 -9.19 12.96
CA ALA D 25 26.95 -8.62 13.90
C ALA D 25 26.32 -7.41 14.58
N LEU D 26 25.35 -6.78 13.88
CA LEU D 26 24.59 -5.67 14.44
C LEU D 26 23.28 -6.16 15.06
N VAL D 27 22.54 -7.00 14.35
CA VAL D 27 21.28 -7.51 14.88
C VAL D 27 21.50 -8.16 16.25
N ASP D 28 22.59 -8.91 16.41
CA ASP D 28 22.82 -9.57 17.69
C ASP D 28 22.92 -8.60 18.88
N ARG D 29 23.43 -7.37 18.64
CA ARG D 29 23.47 -6.35 19.66
C ARG D 29 22.05 -5.84 19.98
N LEU D 30 21.22 -5.68 18.96
CA LEU D 30 19.82 -5.30 19.13
C LEU D 30 19.07 -6.35 19.97
N VAL D 31 19.31 -7.63 19.71
CA VAL D 31 18.65 -8.69 20.44
C VAL D 31 19.10 -8.64 21.90
N GLU D 32 20.39 -8.45 22.13
CA GLU D 32 20.90 -8.28 23.50
C GLU D 32 20.18 -7.15 24.22
N GLY D 33 20.00 -6.03 23.50
CA GLY D 33 19.34 -4.88 24.10
C GLY D 33 17.89 -5.14 24.44
N ALA D 34 17.19 -5.83 23.56
CA ALA D 34 15.78 -6.07 23.76
C ALA D 34 15.61 -6.98 24.99
N ILE D 35 16.44 -8.00 25.08
CA ILE D 35 16.31 -8.96 26.16
C ILE D 35 16.65 -8.30 27.49
N ASP D 36 17.72 -7.52 27.52
CA ASP D 36 18.10 -6.78 28.70
C ASP D 36 16.98 -5.85 29.17
N CYS D 37 16.38 -5.13 28.23
CA CYS D 37 15.33 -4.20 28.57
C CYS D 37 14.19 -4.97 29.24
N ILE D 38 13.77 -6.07 28.64
CA ILE D 38 12.67 -6.86 29.23
C ILE D 38 13.04 -7.33 30.64
N VAL D 39 14.19 -7.96 30.78
CA VAL D 39 14.57 -8.58 32.04
C VAL D 39 14.74 -7.58 33.15
N ARG D 40 15.39 -6.46 32.86
CA ARG D 40 15.63 -5.47 33.93
C ARG D 40 14.40 -4.60 34.24
N HIS D 41 13.38 -4.68 33.39
CA HIS D 41 12.07 -4.09 33.71
C HIS D 41 11.12 -5.07 34.44
N GLY D 42 11.64 -6.24 34.79
CA GLY D 42 10.85 -7.23 35.53
C GLY D 42 10.27 -8.41 34.76
N GLY D 43 10.49 -8.44 33.45
CA GLY D 43 10.06 -9.58 32.65
C GLY D 43 10.96 -10.76 32.86
N ARG D 44 10.43 -11.97 32.71
CA ARG D 44 11.26 -13.14 32.85
C ARG D 44 11.80 -13.54 31.49
N GLU D 45 13.06 -13.93 31.44
CA GLU D 45 13.62 -14.36 30.17
C GLU D 45 12.91 -15.58 29.64
N GLU D 46 12.37 -16.41 30.55
CA GLU D 46 11.64 -17.59 30.11
C GLU D 46 10.36 -17.26 29.34
N ASP D 47 9.87 -16.05 29.56
CA ASP D 47 8.64 -15.60 28.95
C ASP D 47 8.92 -14.89 27.62
N ILE D 48 10.15 -15.00 27.16
CA ILE D 48 10.50 -14.51 25.82
C ILE D 48 10.53 -15.67 24.85
N THR D 49 9.94 -15.49 23.67
CA THR D 49 10.08 -16.46 22.57
C THR D 49 10.85 -15.75 21.47
N LEU D 50 11.99 -16.30 21.09
CA LEU D 50 12.83 -15.73 20.04
C LEU D 50 12.73 -16.60 18.78
N VAL D 51 12.40 -15.96 17.67
CA VAL D 51 12.34 -16.64 16.38
C VAL D 51 13.37 -15.99 15.46
N ARG D 52 14.25 -16.81 14.90
CA ARG D 52 15.24 -16.31 13.97
C ARG D 52 14.76 -16.56 12.53
N VAL D 53 15.05 -15.60 11.65
CA VAL D 53 14.71 -15.72 10.21
C VAL D 53 15.90 -15.21 9.40
N PRO D 54 15.97 -15.58 8.14
CA PRO D 54 17.12 -15.19 7.32
C PRO D 54 17.33 -13.69 7.15
N GLY D 55 16.30 -12.98 6.70
CA GLY D 55 16.44 -11.57 6.42
C GLY D 55 15.24 -10.76 6.84
N SER D 56 15.34 -9.44 6.69
CA SER D 56 14.25 -8.57 7.09
C SER D 56 12.98 -8.95 6.32
N TRP D 57 13.16 -9.44 5.09
CA TRP D 57 12.02 -9.82 4.25
C TRP D 57 11.12 -10.82 4.95
N GLU D 58 11.77 -11.73 5.66
CA GLU D 58 11.10 -12.84 6.28
C GLU D 58 10.56 -12.54 7.67
N ILE D 59 10.86 -11.38 8.24
CA ILE D 59 10.32 -11.05 9.55
C ILE D 59 8.80 -11.05 9.64
N PRO D 60 8.06 -10.39 8.73
CA PRO D 60 6.60 -10.35 8.86
C PRO D 60 5.91 -11.71 8.95
N VAL D 61 6.23 -12.64 8.06
CA VAL D 61 5.54 -13.92 8.09
C VAL D 61 5.77 -14.64 9.41
N ALA D 62 6.97 -14.55 9.97
CA ALA D 62 7.24 -15.15 11.29
C ALA D 62 6.52 -14.38 12.40
N ALA D 63 6.51 -13.06 12.29
CA ALA D 63 5.83 -12.23 13.31
C ALA D 63 4.35 -12.52 13.32
N GLY D 64 3.79 -12.83 12.15
CA GLY D 64 2.38 -13.16 12.04
C GLY D 64 2.04 -14.43 12.81
N GLU D 65 2.95 -15.39 12.83
CA GLU D 65 2.70 -16.62 13.59
C GLU D 65 2.82 -16.35 15.08
N LEU D 66 3.81 -15.58 15.49
CA LEU D 66 3.98 -15.26 16.91
C LEU D 66 2.87 -14.41 17.46
N ALA D 67 2.45 -13.40 16.69
CA ALA D 67 1.42 -12.49 17.16
C ALA D 67 0.08 -13.21 17.32
N ARG D 68 -0.09 -14.32 16.61
CA ARG D 68 -1.34 -15.08 16.72
C ARG D 68 -1.42 -15.95 17.97
N LYS D 69 -0.30 -16.09 18.69
CA LYS D 69 -0.28 -16.89 19.91
C LYS D 69 -1.02 -16.15 21.02
N GLU D 70 -1.97 -16.81 21.66
CA GLU D 70 -2.73 -16.16 22.69
C GLU D 70 -1.88 -15.81 23.92
N ASP D 71 -0.77 -16.52 24.09
CA ASP D 71 0.13 -16.28 25.21
C ASP D 71 1.32 -15.38 24.88
N ILE D 72 1.21 -14.60 23.81
CA ILE D 72 2.19 -13.58 23.50
C ILE D 72 1.50 -12.23 23.57
N ASP D 73 2.00 -11.34 24.42
CA ASP D 73 1.35 -10.05 24.65
C ASP D 73 1.72 -8.99 23.62
N ALA D 74 2.92 -9.09 23.07
CA ALA D 74 3.43 -8.16 22.08
C ALA D 74 4.62 -8.80 21.34
N VAL D 75 4.82 -8.38 20.11
CA VAL D 75 5.92 -8.84 19.31
C VAL D 75 6.87 -7.67 18.99
N ILE D 76 8.15 -7.96 19.09
CA ILE D 76 9.22 -7.01 18.80
C ILE D 76 9.95 -7.50 17.55
N ALA D 77 9.94 -6.69 16.48
CA ALA D 77 10.61 -7.02 15.24
C ALA D 77 11.98 -6.38 15.22
N ILE D 78 13.01 -7.20 14.97
CA ILE D 78 14.40 -6.79 15.04
C ILE D 78 15.16 -7.18 13.79
N GLY D 79 15.74 -6.20 13.13
CA GLY D 79 16.52 -6.46 11.95
C GLY D 79 17.38 -5.25 11.61
N VAL D 80 18.28 -5.44 10.66
CA VAL D 80 19.14 -4.32 10.20
C VAL D 80 19.19 -4.29 8.68
N LEU D 81 18.66 -3.22 8.12
CA LEU D 81 18.75 -2.96 6.69
C LEU D 81 19.74 -1.82 6.46
N ILE D 82 20.72 -2.07 5.60
CA ILE D 82 21.70 -1.06 5.22
C ILE D 82 21.62 -0.92 3.71
N ARG D 83 21.48 0.30 3.24
CA ARG D 83 21.33 0.54 1.80
C ARG D 83 22.58 0.04 1.09
N GLY D 84 22.33 -0.68 -0.01
CA GLY D 84 23.36 -1.14 -0.91
C GLY D 84 23.43 -0.25 -2.16
N ALA D 85 23.93 -0.81 -3.24
CA ALA D 85 24.06 -0.06 -4.50
C ALA D 85 22.75 0.08 -5.28
N THR D 86 21.81 -0.83 -5.05
CA THR D 86 20.57 -0.87 -5.83
C THR D 86 19.44 -0.46 -4.93
N PRO D 87 18.28 -0.25 -5.52
CA PRO D 87 17.09 0.08 -4.74
C PRO D 87 16.48 -1.08 -3.95
N HIS D 88 17.13 -2.23 -3.93
CA HIS D 88 16.60 -3.36 -3.19
C HIS D 88 16.18 -3.00 -1.76
N PHE D 89 17.04 -2.25 -1.07
CA PHE D 89 16.79 -1.77 0.29
C PHE D 89 15.39 -1.15 0.42
N ASP D 90 15.05 -0.29 -0.54
CA ASP D 90 13.76 0.40 -0.51
C ASP D 90 12.59 -0.57 -0.49
N TYR D 91 12.64 -1.56 -1.36
CA TYR D 91 11.51 -2.48 -1.48
C TYR D 91 11.42 -3.38 -0.26
N ILE D 92 12.54 -3.82 0.26
CA ILE D 92 12.52 -4.64 1.52
C ILE D 92 12.04 -3.81 2.73
N ALA D 93 12.59 -2.62 2.90
CA ALA D 93 12.19 -1.76 3.99
C ALA D 93 10.73 -1.43 3.92
N SER D 94 10.22 -1.16 2.72
CA SER D 94 8.82 -0.81 2.57
C SER D 94 7.94 -1.98 2.95
N GLU D 95 8.28 -3.16 2.46
CA GLU D 95 7.44 -4.30 2.76
C GLU D 95 7.53 -4.81 4.18
N VAL D 96 8.68 -4.71 4.83
CA VAL D 96 8.79 -5.19 6.19
C VAL D 96 8.00 -4.26 7.10
N SER D 97 8.14 -2.98 6.86
CA SER D 97 7.36 -2.03 7.66
C SER D 97 5.85 -2.16 7.39
N LYS D 98 5.45 -2.27 6.14
CA LYS D 98 4.02 -2.39 5.86
C LYS D 98 3.42 -3.67 6.45
N GLY D 99 4.15 -4.77 6.33
CA GLY D 99 3.68 -6.04 6.82
C GLY D 99 3.47 -6.08 8.32
N LEU D 100 4.47 -5.61 9.03
CA LEU D 100 4.35 -5.57 10.48
C LEU D 100 3.19 -4.69 10.93
N ALA D 101 3.06 -3.51 10.33
CA ALA D 101 2.01 -2.60 10.75
C ALA D 101 0.63 -3.19 10.44
N ASN D 102 0.49 -3.78 9.24
CA ASN D 102 -0.75 -4.42 8.84
C ASN D 102 -1.12 -5.57 9.80
N LEU D 103 -0.13 -6.38 10.15
CA LEU D 103 -0.37 -7.50 11.06
C LEU D 103 -0.84 -7.01 12.42
N SER D 104 -0.23 -5.95 12.90
CA SER D 104 -0.62 -5.40 14.17
C SER D 104 -2.11 -5.01 14.18
N LEU D 105 -2.52 -4.32 13.14
CA LEU D 105 -3.90 -3.88 13.03
C LEU D 105 -4.85 -5.06 12.85
N GLU D 106 -4.46 -6.03 12.03
CA GLU D 106 -5.30 -7.19 11.75
C GLU D 106 -5.51 -8.03 13.01
N LEU D 107 -4.45 -8.23 13.75
CA LEU D 107 -4.50 -9.04 14.95
C LEU D 107 -4.78 -8.27 16.23
N ARG D 108 -4.93 -6.95 16.13
CA ARG D 108 -5.17 -6.08 17.27
C ARG D 108 -4.22 -6.41 18.42
N LYS D 109 -2.91 -6.41 18.08
CA LYS D 109 -1.88 -6.75 19.05
C LYS D 109 -0.65 -5.91 18.73
N PRO D 110 0.00 -5.36 19.73
CA PRO D 110 1.16 -4.50 19.46
C PRO D 110 2.32 -5.28 18.86
N ILE D 111 2.86 -4.72 17.79
CA ILE D 111 4.05 -5.24 17.15
C ILE D 111 4.92 -4.00 16.98
N THR D 112 6.07 -3.99 17.65
CA THR D 112 6.96 -2.82 17.64
C THR D 112 8.10 -2.97 16.66
N PHE D 113 8.65 -1.81 16.29
CA PHE D 113 9.56 -1.74 15.15
C PHE D 113 10.99 -1.46 15.59
N GLY D 114 11.76 -2.54 15.70
CA GLY D 114 13.17 -2.50 16.05
C GLY D 114 14.05 -2.82 14.86
N VAL D 115 13.63 -2.37 13.68
CA VAL D 115 14.36 -2.64 12.46
C VAL D 115 15.09 -1.35 12.06
N ILE D 116 16.42 -1.39 12.07
CA ILE D 116 17.19 -0.26 11.59
C ILE D 116 17.07 -0.19 10.06
N THR D 117 16.89 1.02 9.54
CA THR D 117 16.83 1.27 8.10
C THR D 117 17.84 2.37 7.82
N ALA D 118 19.07 1.96 7.61
CA ALA D 118 20.19 2.89 7.52
C ALA D 118 20.69 3.10 6.11
N ASP D 119 21.11 4.31 5.80
CA ASP D 119 21.76 4.55 4.50
C ASP D 119 23.18 4.04 4.53
N THR D 120 23.83 4.06 5.71
CA THR D 120 25.23 3.64 5.78
C THR D 120 25.51 2.65 6.91
N LEU D 121 26.64 1.95 6.82
CA LEU D 121 27.04 1.04 7.87
C LEU D 121 27.27 1.82 9.16
N GLU D 122 27.88 2.99 9.05
CA GLU D 122 28.12 3.85 10.22
C GLU D 122 26.82 4.16 10.98
N GLN D 123 25.76 4.51 10.24
CA GLN D 123 24.46 4.81 10.85
C GLN D 123 23.90 3.60 11.58
N ALA D 124 24.10 2.42 11.00
CA ALA D 124 23.63 1.19 11.64
C ALA D 124 24.36 0.90 12.91
N ILE D 125 25.68 1.08 12.89
CA ILE D 125 26.47 0.85 14.09
C ILE D 125 26.05 1.83 15.18
N GLU D 126 25.81 3.08 14.81
CA GLU D 126 25.39 4.12 15.75
C GLU D 126 24.11 3.70 16.49
N ARG D 127 23.26 2.94 15.83
CA ARG D 127 21.95 2.62 16.38
C ARG D 127 21.86 1.22 16.95
N ALA D 128 22.97 0.49 16.96
CA ALA D 128 23.01 -0.86 17.45
C ALA D 128 23.93 -0.99 18.69
N GLY D 129 23.73 -0.09 19.64
CA GLY D 129 24.50 -0.10 20.87
C GLY D 129 25.65 0.86 20.95
N THR D 130 25.67 1.89 20.11
CA THR D 130 26.68 2.92 20.29
C THR D 130 26.05 4.30 20.48
N LYS D 131 26.56 5.32 19.78
CA LYS D 131 26.21 6.69 20.10
C LYS D 131 24.75 7.06 20.05
N HIS D 132 23.97 6.40 19.20
CA HIS D 132 22.54 6.68 19.11
C HIS D 132 21.68 5.59 19.74
N GLY D 133 22.24 4.92 20.73
CA GLY D 133 21.51 3.95 21.51
C GLY D 133 21.38 2.60 20.84
N ASN D 134 20.32 1.90 21.20
CA ASN D 134 20.10 0.53 20.78
C ASN D 134 18.61 0.37 20.41
N LYS D 135 18.36 0.24 19.13
CA LYS D 135 17.01 0.17 18.58
C LYS D 135 16.23 -1.03 19.12
N GLY D 136 16.93 -2.11 19.47
CA GLY D 136 16.29 -3.27 20.08
C GLY D 136 15.74 -2.95 21.46
N TRP D 137 16.55 -2.26 22.24
CA TRP D 137 16.13 -1.79 23.56
C TRP D 137 14.92 -0.87 23.41
N GLU D 138 14.95 0.06 22.46
CA GLU D 138 13.83 0.99 22.25
C GLU D 138 12.55 0.24 21.90
N ALA D 139 12.67 -0.72 20.97
CA ALA D 139 11.50 -1.42 20.53
C ALA D 139 10.93 -2.31 21.65
N ALA D 140 11.81 -2.88 22.48
CA ALA D 140 11.37 -3.66 23.62
C ALA D 140 10.64 -2.81 24.65
N LEU D 141 11.20 -1.64 24.93
CA LEU D 141 10.57 -0.74 25.89
C LEU D 141 9.18 -0.36 25.37
N SER D 142 9.08 -0.06 24.07
CA SER D 142 7.76 0.23 23.49
C SER D 142 6.79 -0.93 23.71
N ALA D 143 7.26 -2.15 23.49
CA ALA D 143 6.42 -3.34 23.62
C ALA D 143 5.93 -3.54 25.03
N ILE D 144 6.79 -3.26 26.00
CA ILE D 144 6.42 -3.33 27.39
C ILE D 144 5.26 -2.37 27.64
N GLU D 145 5.45 -1.14 27.20
CA GLU D 145 4.44 -0.13 27.41
C GLU D 145 3.12 -0.51 26.73
N MET D 146 3.19 -0.97 25.49
CA MET D 146 1.99 -1.30 24.74
C MET D 146 1.28 -2.53 25.31
N ALA D 147 2.03 -3.50 25.77
CA ALA D 147 1.41 -4.68 26.37
C ALA D 147 0.66 -4.26 27.63
N ASN D 148 1.31 -3.44 28.47
CA ASN D 148 0.62 -2.91 29.66
C ASN D 148 -0.63 -2.09 29.29
N LEU D 149 -0.52 -1.21 28.30
CA LEU D 149 -1.64 -0.38 27.87
C LEU D 149 -2.81 -1.26 27.47
N PHE D 150 -2.50 -2.31 26.71
CA PHE D 150 -3.52 -3.18 26.16
C PHE D 150 -4.23 -3.99 27.25
N LYS D 151 -3.58 -4.19 28.38
CA LYS D 151 -4.22 -4.87 29.52
C LYS D 151 -5.50 -4.12 29.93
N SER D 152 -5.54 -2.77 29.74
CA SER D 152 -6.82 -2.07 30.00
C SER D 152 -7.57 -1.66 28.73
N LEU D 153 -6.84 -1.37 27.69
CA LEU D 153 -7.46 -0.88 26.46
C LEU D 153 -8.10 -1.95 25.57
N ARG D 154 -7.48 -3.13 25.45
CA ARG D 154 -7.92 -4.17 24.52
C ARG D 154 -9.19 -4.91 24.96
N MET E 1 -30.45 20.12 -4.70
CA MET E 1 -29.24 19.39 -4.33
C MET E 1 -29.22 19.00 -2.87
N GLN E 2 -28.88 17.74 -2.56
CA GLN E 2 -28.76 17.32 -1.17
C GLN E 2 -27.38 17.72 -0.68
N ILE E 3 -27.31 18.46 0.41
CA ILE E 3 -26.03 18.91 0.93
C ILE E 3 -25.84 18.44 2.35
N TYR E 4 -24.70 17.80 2.63
CA TYR E 4 -24.39 17.33 3.97
C TYR E 4 -23.14 18.02 4.44
N GLU E 5 -23.16 18.52 5.66
CA GLU E 5 -21.97 19.13 6.21
C GLU E 5 -21.99 19.04 7.72
N GLY E 6 -20.84 19.24 8.33
CA GLY E 6 -20.76 19.25 9.77
C GLY E 6 -20.56 20.64 10.33
N LYS E 7 -21.36 20.99 11.34
CA LYS E 7 -21.18 22.22 12.12
C LYS E 7 -19.98 22.01 13.05
N LEU E 8 -19.60 23.08 13.75
CA LEU E 8 -18.42 23.06 14.58
C LEU E 8 -18.74 23.12 16.05
N THR E 9 -20.00 22.92 16.42
CA THR E 9 -20.38 22.89 17.83
C THR E 9 -20.21 21.46 18.29
N ALA E 10 -19.56 21.27 19.42
CA ALA E 10 -19.21 19.93 19.85
C ALA E 10 -20.06 19.38 21.00
N GLU E 11 -21.16 20.04 21.31
CA GLU E 11 -22.03 19.53 22.39
C GLU E 11 -22.41 18.05 22.18
N GLY E 12 -22.19 17.26 23.20
CA GLY E 12 -22.54 15.85 23.19
C GLY E 12 -21.61 14.90 22.48
N LEU E 13 -20.58 15.45 21.84
CA LEU E 13 -19.68 14.61 21.06
C LEU E 13 -18.66 14.00 21.98
N ARG E 14 -18.19 12.82 21.60
CA ARG E 14 -17.23 12.09 22.41
C ARG E 14 -16.03 11.78 21.52
N PHE E 15 -14.84 12.13 22.00
CA PHE E 15 -13.62 11.99 21.21
C PHE E 15 -12.55 11.14 21.85
N GLY E 16 -11.86 10.38 21.02
CA GLY E 16 -10.67 9.68 21.44
C GLY E 16 -9.45 10.38 20.85
N ILE E 17 -8.42 10.53 21.66
CA ILE E 17 -7.17 11.09 21.20
C ILE E 17 -6.13 10.04 21.49
N VAL E 18 -5.28 9.74 20.49
CA VAL E 18 -4.16 8.86 20.71
C VAL E 18 -2.94 9.72 20.47
N ALA E 19 -2.08 9.81 21.50
CA ALA E 19 -0.93 10.71 21.41
C ALA E 19 0.36 9.98 21.80
N SER E 20 1.34 10.06 20.92
CA SER E 20 2.61 9.41 21.19
C SER E 20 3.49 10.25 22.12
N ARG E 21 4.47 9.58 22.71
CA ARG E 21 5.39 10.24 23.63
C ARG E 21 6.73 10.72 23.03
N PHE E 22 7.13 10.16 21.90
CA PHE E 22 8.36 10.60 21.25
C PHE E 22 8.18 12.06 20.89
N ASN E 23 9.19 12.91 21.13
CA ASN E 23 9.08 14.35 20.89
C ASN E 23 7.97 14.99 21.70
N HIS E 24 7.80 14.51 22.95
CA HIS E 24 6.73 14.95 23.80
C HIS E 24 6.69 16.44 24.07
N ALA E 25 7.82 17.11 24.04
CA ALA E 25 7.81 18.55 24.34
C ALA E 25 6.97 19.26 23.30
N LEU E 26 6.85 18.66 22.10
CA LEU E 26 6.03 19.20 21.03
C LEU E 26 4.65 18.54 21.05
N VAL E 27 4.59 17.22 21.20
CA VAL E 27 3.30 16.53 21.23
C VAL E 27 2.40 17.07 22.32
N ASP E 28 2.98 17.35 23.48
CA ASP E 28 2.18 17.85 24.59
C ASP E 28 1.48 19.16 24.26
N ARG E 29 2.10 19.99 23.41
CA ARG E 29 1.42 21.24 22.96
C ARG E 29 0.25 20.92 21.99
N LEU E 30 0.44 19.92 21.15
CA LEU E 30 -0.62 19.43 20.25
C LEU E 30 -1.80 18.89 21.07
N VAL E 31 -1.52 18.17 22.15
CA VAL E 31 -2.59 17.64 22.99
C VAL E 31 -3.35 18.78 23.65
N GLU E 32 -2.60 19.77 24.18
CA GLU E 32 -3.23 20.96 24.77
C GLU E 32 -4.17 21.60 23.76
N GLY E 33 -3.70 21.73 22.52
CA GLY E 33 -4.51 22.35 21.48
C GLY E 33 -5.76 21.58 21.17
N ALA E 34 -5.66 20.26 21.07
CA ALA E 34 -6.82 19.45 20.73
C ALA E 34 -7.87 19.53 21.84
N ILE E 35 -7.43 19.47 23.08
CA ILE E 35 -8.37 19.49 24.17
C ILE E 35 -9.05 20.85 24.26
N ASP E 36 -8.27 21.90 24.11
CA ASP E 36 -8.82 23.24 24.10
C ASP E 36 -9.86 23.43 22.99
N CYS E 37 -9.55 22.99 21.78
CA CYS E 37 -10.47 23.07 20.67
C CYS E 37 -11.77 22.35 21.02
N ILE E 38 -11.69 21.13 21.55
CA ILE E 38 -12.92 20.43 21.90
C ILE E 38 -13.73 21.21 22.94
N VAL E 39 -13.08 21.57 24.04
CA VAL E 39 -13.78 22.18 25.15
C VAL E 39 -14.40 23.52 24.82
N ARG E 40 -13.69 24.35 24.09
CA ARG E 40 -14.26 25.67 23.78
C ARG E 40 -15.27 25.66 22.62
N HIS E 41 -15.35 24.53 21.92
CA HIS E 41 -16.42 24.34 20.94
C HIS E 41 -17.65 23.66 21.57
N GLY E 42 -17.61 23.49 22.88
CA GLY E 42 -18.75 22.92 23.61
C GLY E 42 -18.69 21.47 24.02
N GLY E 43 -17.60 20.77 23.68
CA GLY E 43 -17.42 19.38 24.10
C GLY E 43 -17.03 19.31 25.58
N ARG E 44 -17.41 18.24 26.28
CA ARG E 44 -17.04 18.14 27.67
C ARG E 44 -15.73 17.40 27.76
N GLU E 45 -14.84 17.85 28.61
CA GLU E 45 -13.56 17.17 28.79
C GLU E 45 -13.80 15.76 29.30
N GLU E 46 -14.89 15.55 30.03
CA GLU E 46 -15.16 14.22 30.51
C GLU E 46 -15.48 13.24 29.41
N ASP E 47 -15.86 13.77 28.26
CA ASP E 47 -16.19 12.96 27.10
C ASP E 47 -14.98 12.75 26.20
N ILE E 48 -13.79 13.11 26.67
CA ILE E 48 -12.54 12.80 25.96
C ILE E 48 -11.87 11.61 26.57
N THR E 49 -11.37 10.70 25.73
CA THR E 49 -10.56 9.57 26.15
C THR E 49 -9.21 9.79 25.49
N LEU E 50 -8.18 9.87 26.31
CA LEU E 50 -6.80 10.04 25.88
C LEU E 50 -6.02 8.75 26.12
N VAL E 51 -5.39 8.26 25.05
CA VAL E 51 -4.54 7.09 25.11
C VAL E 51 -3.11 7.51 24.73
N ARG E 52 -2.15 7.21 25.58
CA ARG E 52 -0.74 7.52 25.29
C ARG E 52 -0.05 6.28 24.76
N VAL E 53 0.85 6.45 23.79
CA VAL E 53 1.63 5.34 23.26
C VAL E 53 3.06 5.84 23.09
N PRO E 54 4.01 4.92 22.96
CA PRO E 54 5.43 5.32 22.86
C PRO E 54 5.80 6.19 21.68
N GLY E 55 5.49 5.76 20.47
CA GLY E 55 5.86 6.49 19.27
C GLY E 55 4.77 6.52 18.23
N SER E 56 5.03 7.25 17.14
CA SER E 56 4.09 7.34 16.06
C SER E 56 3.74 5.96 15.52
N TRP E 57 4.72 5.04 15.52
CA TRP E 57 4.52 3.71 15.02
C TRP E 57 3.33 3.01 15.70
N GLU E 58 3.18 3.30 16.99
CA GLU E 58 2.18 2.66 17.84
C GLU E 58 0.82 3.32 17.83
N ILE E 59 0.72 4.50 17.21
CA ILE E 59 -0.56 5.16 17.17
C ILE E 59 -1.68 4.32 16.51
N PRO E 60 -1.46 3.73 15.33
CA PRO E 60 -2.56 3.03 14.65
C PRO E 60 -3.17 1.92 15.48
N VAL E 61 -2.37 1.04 16.05
CA VAL E 61 -2.97 -0.08 16.79
C VAL E 61 -3.84 0.40 17.95
N ALA E 62 -3.43 1.46 18.63
CA ALA E 62 -4.23 2.04 19.72
C ALA E 62 -5.48 2.73 19.22
N ALA E 63 -5.33 3.44 18.09
CA ALA E 63 -6.46 4.13 17.48
C ALA E 63 -7.52 3.14 17.04
N GLY E 64 -7.07 1.95 16.61
CA GLY E 64 -7.96 0.88 16.17
C GLY E 64 -8.85 0.44 17.33
N GLU E 65 -8.30 0.40 18.54
CA GLU E 65 -9.11 -0.01 19.70
C GLU E 65 -10.09 1.09 20.06
N LEU E 66 -9.64 2.35 20.02
CA LEU E 66 -10.54 3.45 20.36
C LEU E 66 -11.65 3.63 19.36
N ALA E 67 -11.31 3.53 18.07
CA ALA E 67 -12.29 3.72 17.03
C ALA E 67 -13.36 2.65 17.05
N ARG E 68 -13.04 1.50 17.63
CA ARG E 68 -14.00 0.40 17.72
C ARG E 68 -15.03 0.60 18.83
N LYS E 69 -14.82 1.57 19.71
CA LYS E 69 -15.74 1.84 20.80
C LYS E 69 -17.00 2.52 20.27
N GLU E 70 -18.15 1.97 20.59
CA GLU E 70 -19.37 2.52 20.07
C GLU E 70 -19.65 3.92 20.60
N ASP E 71 -19.10 4.24 21.76
CA ASP E 71 -19.30 5.55 22.38
C ASP E 71 -18.20 6.55 22.07
N ILE E 72 -17.44 6.30 21.02
CA ILE E 72 -16.45 7.27 20.53
C ILE E 72 -16.90 7.70 19.15
N ASP E 73 -17.12 9.00 18.93
CA ASP E 73 -17.60 9.49 17.64
C ASP E 73 -16.51 9.74 16.59
N ALA E 74 -15.31 10.03 17.04
CA ALA E 74 -14.17 10.28 16.16
C ALA E 74 -12.91 10.15 16.97
N VAL E 75 -11.84 9.78 16.27
CA VAL E 75 -10.54 9.65 16.89
C VAL E 75 -9.59 10.67 16.22
N ILE E 76 -8.81 11.30 17.08
CA ILE E 76 -7.77 12.29 16.71
C ILE E 76 -6.38 11.69 17.01
N ALA E 77 -5.57 11.50 15.97
CA ALA E 77 -4.22 10.97 16.08
C ALA E 77 -3.25 12.11 16.17
N ILE E 78 -2.42 12.08 17.22
CA ILE E 78 -1.48 13.14 17.52
C ILE E 78 -0.08 12.59 17.74
N GLY E 79 0.86 13.11 16.95
CA GLY E 79 2.26 12.71 17.06
C GLY E 79 3.18 13.68 16.35
N VAL E 80 4.48 13.54 16.58
CA VAL E 80 5.45 14.40 15.93
C VAL E 80 6.61 13.57 15.42
N LEU E 81 6.72 13.56 14.10
CA LEU E 81 7.84 12.92 13.42
C LEU E 81 8.76 14.00 12.91
N ILE E 82 10.06 13.86 13.19
CA ILE E 82 11.06 14.78 12.69
C ILE E 82 12.11 13.93 11.99
N ARG E 83 12.43 14.27 10.76
CA ARG E 83 13.36 13.47 9.99
C ARG E 83 14.74 13.47 10.68
N GLY E 84 15.32 12.27 10.76
CA GLY E 84 16.64 12.09 11.29
C GLY E 84 17.65 11.91 10.16
N ALA E 85 18.73 11.21 10.45
CA ALA E 85 19.78 10.97 9.46
C ALA E 85 19.45 9.85 8.48
N THR E 86 18.60 8.92 8.89
CA THR E 86 18.30 7.77 8.06
C THR E 86 16.89 7.88 7.51
N PRO E 87 16.53 6.99 6.60
CA PRO E 87 15.17 6.98 6.07
C PRO E 87 14.11 6.42 7.01
N HIS E 88 14.45 6.16 8.26
CA HIS E 88 13.48 5.63 9.20
C HIS E 88 12.19 6.45 9.20
N PHE E 89 12.33 7.77 9.23
CA PHE E 89 11.20 8.68 9.23
C PHE E 89 10.19 8.34 8.13
N ASP E 90 10.70 8.08 6.94
CA ASP E 90 9.86 7.76 5.79
C ASP E 90 8.96 6.56 6.05
N TYR E 91 9.58 5.49 6.55
CA TYR E 91 8.84 4.26 6.79
C TYR E 91 7.81 4.41 7.92
N ILE E 92 8.16 5.08 9.00
CA ILE E 92 7.17 5.34 10.07
C ILE E 92 6.03 6.26 9.60
N ALA E 93 6.37 7.37 8.96
CA ALA E 93 5.35 8.30 8.50
C ALA E 93 4.42 7.60 7.50
N SER E 94 4.98 6.75 6.65
CA SER E 94 4.15 6.07 5.67
C SER E 94 3.19 5.12 6.34
N GLU E 95 3.71 4.35 7.29
CA GLU E 95 2.84 3.38 7.92
C GLU E 95 1.85 3.95 8.88
N VAL E 96 2.17 5.05 9.57
CA VAL E 96 1.23 5.65 10.49
C VAL E 96 0.07 6.26 9.71
N SER E 97 0.41 6.94 8.63
CA SER E 97 -0.61 7.54 7.79
C SER E 97 -1.49 6.47 7.13
N LYS E 98 -0.88 5.44 6.57
CA LYS E 98 -1.63 4.39 5.92
C LYS E 98 -2.54 3.68 6.90
N GLY E 99 -2.02 3.37 8.08
CA GLY E 99 -2.80 2.63 9.07
C GLY E 99 -4.03 3.37 9.52
N LEU E 100 -3.84 4.63 9.87
CA LEU E 100 -4.95 5.45 10.31
C LEU E 100 -6.00 5.55 9.24
N ALA E 101 -5.60 5.78 7.99
CA ALA E 101 -6.56 5.97 6.92
C ALA E 101 -7.32 4.68 6.66
N ASN E 102 -6.58 3.57 6.65
CA ASN E 102 -7.19 2.26 6.46
C ASN E 102 -8.20 1.94 7.57
N LEU E 103 -7.82 2.23 8.81
CA LEU E 103 -8.73 2.00 9.93
C LEU E 103 -10.01 2.82 9.81
N SER E 104 -9.87 4.06 9.39
CA SER E 104 -11.02 4.91 9.25
C SER E 104 -12.02 4.31 8.26
N LEU E 105 -11.50 3.81 7.16
CA LEU E 105 -12.35 3.23 6.12
C LEU E 105 -12.95 1.92 6.57
N GLU E 106 -12.14 1.10 7.25
CA GLU E 106 -12.59 -0.21 7.70
C GLU E 106 -13.72 -0.07 8.71
N LEU E 107 -13.54 0.85 9.65
CA LEU E 107 -14.49 1.06 10.71
C LEU E 107 -15.57 2.09 10.41
N ARG E 108 -15.51 2.71 9.25
CA ARG E 108 -16.48 3.74 8.83
C ARG E 108 -16.69 4.78 9.92
N LYS E 109 -15.57 5.30 10.41
CA LYS E 109 -15.55 6.27 11.49
C LYS E 109 -14.41 7.26 11.25
N PRO E 110 -14.65 8.55 11.48
CA PRO E 110 -13.60 9.53 11.20
C PRO E 110 -12.41 9.39 12.14
N ILE E 111 -11.22 9.41 11.56
CA ILE E 111 -9.99 9.40 12.31
C ILE E 111 -9.17 10.51 11.66
N THR E 112 -8.86 11.55 12.43
CA THR E 112 -8.20 12.71 11.87
C THR E 112 -6.71 12.69 12.12
N PHE E 113 -6.00 13.44 11.31
CA PHE E 113 -4.53 13.35 11.26
C PHE E 113 -3.85 14.57 11.85
N GLY E 114 -3.47 14.46 13.12
CA GLY E 114 -2.75 15.49 13.81
C GLY E 114 -1.31 15.10 14.05
N VAL E 115 -0.73 14.41 13.09
CA VAL E 115 0.66 13.96 13.19
C VAL E 115 1.51 14.90 12.34
N ILE E 116 2.44 15.62 12.98
CA ILE E 116 3.36 16.43 12.24
C ILE E 116 4.39 15.50 11.58
N THR E 117 4.72 15.81 10.34
CA THR E 117 5.75 15.07 9.58
C THR E 117 6.71 16.11 9.04
N ALA E 118 7.69 16.45 9.88
CA ALA E 118 8.59 17.57 9.58
C ALA E 118 9.97 17.13 9.14
N ASP E 119 10.57 17.89 8.22
CA ASP E 119 11.97 17.65 7.86
C ASP E 119 12.92 18.17 8.96
N THR E 120 12.51 19.23 9.67
CA THR E 120 13.34 19.82 10.69
C THR E 120 12.65 20.09 11.98
N LEU E 121 13.46 20.25 13.02
CA LEU E 121 12.90 20.57 14.33
C LEU E 121 12.18 21.92 14.28
N GLU E 122 12.77 22.88 13.57
CA GLU E 122 12.13 24.19 13.43
C GLU E 122 10.71 24.08 12.84
N GLN E 123 10.55 23.24 11.81
CA GLN E 123 9.23 23.04 11.20
C GLN E 123 8.25 22.42 12.18
N ALA E 124 8.73 21.53 13.02
CA ALA E 124 7.85 20.92 14.02
C ALA E 124 7.40 21.97 15.04
N ILE E 125 8.34 22.78 15.49
CA ILE E 125 8.00 23.82 16.46
C ILE E 125 6.98 24.79 15.86
N GLU E 126 7.18 25.16 14.60
CA GLU E 126 6.29 26.06 13.90
C GLU E 126 4.84 25.55 13.94
N ARG E 127 4.68 24.23 13.91
CA ARG E 127 3.36 23.62 13.79
C ARG E 127 2.77 23.10 15.10
N ALA E 128 3.51 23.29 16.19
CA ALA E 128 3.07 22.84 17.48
C ALA E 128 2.80 24.01 18.45
N GLY E 129 2.04 24.98 17.97
CA GLY E 129 1.68 26.11 18.79
C GLY E 129 2.48 27.39 18.55
N THR E 130 3.16 27.50 17.43
CA THR E 130 3.81 28.77 17.12
C THR E 130 3.34 29.30 15.76
N LYS E 131 4.24 29.78 14.91
CA LYS E 131 3.84 30.57 13.75
C LYS E 131 2.92 29.93 12.73
N HIS E 132 2.94 28.60 12.63
CA HIS E 132 2.05 27.92 11.70
C HIS E 132 0.94 27.17 12.43
N GLY E 133 0.57 27.66 13.60
CA GLY E 133 -0.56 27.13 14.33
C GLY E 133 -0.25 25.89 15.14
N ASN E 134 -1.30 25.12 15.37
CA ASN E 134 -1.24 23.95 16.23
C ASN E 134 -1.97 22.79 15.53
N LYS E 135 -1.21 21.81 15.07
CA LYS E 135 -1.79 20.69 14.32
C LYS E 135 -2.79 19.87 15.14
N GLY E 136 -2.64 19.86 16.47
CA GLY E 136 -3.58 19.18 17.35
C GLY E 136 -4.92 19.87 17.33
N TRP E 137 -4.89 21.19 17.40
CA TRP E 137 -6.10 21.98 17.32
C TRP E 137 -6.81 21.73 15.95
N GLU E 138 -6.03 21.72 14.88
CA GLU E 138 -6.58 21.51 13.51
C GLU E 138 -7.22 20.13 13.40
N ALA E 139 -6.53 19.11 13.89
CA ALA E 139 -7.07 17.76 13.82
C ALA E 139 -8.33 17.60 14.70
N ALA E 140 -8.34 18.28 15.83
CA ALA E 140 -9.54 18.26 16.68
C ALA E 140 -10.72 18.92 16.00
N LEU E 141 -10.48 20.08 15.41
CA LEU E 141 -11.55 20.77 14.72
C LEU E 141 -12.11 19.89 13.59
N SER E 142 -11.21 19.27 12.83
CA SER E 142 -11.66 18.35 11.78
C SER E 142 -12.53 17.25 12.36
N ALA E 143 -12.13 16.72 13.50
CA ALA E 143 -12.89 15.63 14.13
C ALA E 143 -14.28 16.05 14.58
N ILE E 144 -14.39 17.27 15.11
CA ILE E 144 -15.68 17.85 15.46
C ILE E 144 -16.57 17.87 14.22
N GLU E 145 -16.05 18.45 13.16
CA GLU E 145 -16.81 18.57 11.94
C GLU E 145 -17.26 17.19 11.41
N MET E 146 -16.33 16.25 11.36
CA MET E 146 -16.62 14.94 10.83
C MET E 146 -17.62 14.17 11.69
N ALA E 147 -17.51 14.30 13.00
CA ALA E 147 -18.46 13.64 13.88
C ALA E 147 -19.85 14.21 13.67
N ASN E 148 -19.96 15.53 13.55
CA ASN E 148 -21.27 16.15 13.25
C ASN E 148 -21.79 15.73 11.87
N LEU E 149 -20.91 15.69 10.86
CA LEU E 149 -21.30 15.26 9.55
C LEU E 149 -21.87 13.84 9.58
N PHE E 150 -21.17 12.96 10.30
CA PHE E 150 -21.56 11.57 10.35
C PHE E 150 -22.91 11.38 11.06
N LYS E 151 -23.28 12.30 11.94
CA LYS E 151 -24.58 12.20 12.61
C LYS E 151 -25.70 12.13 11.56
N SER E 152 -25.51 12.78 10.38
CA SER E 152 -26.54 12.63 9.35
C SER E 152 -26.09 11.66 8.20
N LEU E 153 -24.80 11.63 7.92
CA LEU E 153 -24.31 10.85 6.81
C LEU E 153 -24.17 9.33 7.04
N ARG E 154 -23.74 8.95 8.24
CA ARG E 154 -23.46 7.54 8.55
C ARG E 154 -24.72 6.68 8.72
P PO4 F . 3.26 22.26 5.43
O1 PO4 F . 2.05 22.25 4.51
O2 PO4 F . 4.16 21.16 4.95
O3 PO4 F . 2.85 22.02 6.85
O4 PO4 F . 3.94 23.56 5.26
O19 RLP G . -0.79 20.63 8.45
C18 RLP G . -1.33 21.47 7.72
O18 RLP G . -2.41 21.97 7.99
C17 RLP G . -0.69 21.96 6.43
C16 RLP G . -0.65 20.80 5.43
C7 RLP G . -2.00 20.45 4.81
C8 RLP G . -3.05 19.79 5.64
O8 RLP G . -2.85 19.53 6.84
N9 RLP G . -4.25 19.47 5.08
C10 RLP G . -4.52 19.75 3.79
C5 RLP G . -3.46 20.39 2.98
N6 RLP G . -2.26 20.69 3.51
C4 RLP G . -3.77 20.66 1.57
O4 RLP G . -2.92 21.25 0.83
N3 RLP G . -4.98 20.29 1.11
C2 RLP G . -5.91 19.68 1.89
O2 RLP G . -6.97 19.38 1.34
N1 RLP G . -5.69 19.38 3.19
C11 RLP G . -5.32 18.96 5.92
C12 RLP G . -5.53 17.50 6.09
O12 RLP G . -6.09 17.11 4.84
C13 RLP G . -6.43 17.20 7.29
O13 RLP G . -7.66 17.93 7.14
C14 RLP G . -5.79 17.51 8.64
O14 RLP G . -4.50 16.92 8.73
C15 RLP G . -6.66 17.00 9.80
O15 RLP G . -6.99 15.62 9.63
P PO4 H . -0.22 17.75 -14.73
O1 PO4 H . -0.33 16.58 -15.69
O2 PO4 H . 0.64 17.40 -13.57
O3 PO4 H . -1.52 18.20 -14.21
O4 PO4 H . 0.48 18.82 -15.53
O19 RLP I . -5.28 16.25 -14.14
C18 RLP I . -5.09 16.08 -15.36
O18 RLP I . -6.00 15.98 -16.15
C17 RLP I . -3.68 15.94 -15.94
C16 RLP I . -3.03 14.69 -15.37
C7 RLP I . -3.51 13.36 -15.95
C8 RLP I . -4.85 12.88 -15.60
O8 RLP I . -5.59 13.57 -14.84
N9 RLP I . -5.31 11.70 -16.06
C10 RLP I . -4.53 10.94 -16.86
C5 RLP I . -3.19 11.44 -17.19
N6 RLP I . -2.71 12.61 -16.73
C4 RLP I . -2.35 10.62 -18.05
O4 RLP I . -1.19 11.04 -18.39
N3 RLP I . -2.88 9.46 -18.47
C2 RLP I . -4.11 9.01 -18.16
O2 RLP I . -4.42 7.89 -18.59
N1 RLP I . -4.95 9.70 -17.35
C11 RLP I . -6.71 11.36 -15.77
C12 RLP I . -7.03 10.46 -14.65
O12 RLP I . -6.56 9.16 -15.05
C13 RLP I . -8.54 10.49 -14.39
O13 RLP I . -9.22 10.17 -15.62
C14 RLP I . -9.07 11.82 -13.86
O14 RLP I . -8.27 12.22 -12.71
C15 RLP I . -10.53 11.71 -13.43
O15 RLP I . -10.67 10.62 -12.53
P PO4 J . 11.65 1.31 -19.88
O1 PO4 J . 12.13 0.02 -19.29
O2 PO4 J . 11.40 2.28 -18.78
O3 PO4 J . 10.40 1.13 -20.67
O4 PO4 J . 12.77 1.87 -20.72
O19 RLP K . 7.69 -1.99 -20.83
C18 RLP K . 8.68 -2.73 -20.98
O18 RLP K . 8.60 -3.80 -21.55
C17 RLP K . 10.05 -2.35 -20.44
C16 RLP K . 10.00 -2.33 -18.92
C7 RLP K . 9.96 -3.71 -18.26
C8 RLP K . 8.74 -4.57 -18.34
O8 RLP K . 7.72 -4.18 -18.99
N9 RLP K . 8.71 -5.75 -17.73
C10 RLP K . 9.77 -6.23 -17.05
C5 RLP K . 10.95 -5.36 -16.95
N6 RLP K . 11.02 -4.16 -17.55
C4 RLP K . 12.10 -5.89 -16.21
O4 RLP K . 13.18 -5.23 -16.12
N3 RLP K . 11.96 -7.11 -15.65
C2 RLP K . 10.83 -7.83 -15.73
O2 RLP K . 10.87 -8.92 -15.14
N1 RLP K . 9.73 -7.42 -16.39
C11 RLP K . 7.56 -6.60 -17.98
C12 RLP K . 6.44 -6.63 -17.02
O12 RLP K . 6.95 -7.34 -15.90
C13 RLP K . 5.20 -7.32 -17.61
O13 RLP K . 5.57 -8.62 -18.06
C14 RLP K . 4.57 -6.55 -18.76
O14 RLP K . 4.30 -5.21 -18.33
C15 RLP K . 3.25 -7.19 -19.20
O15 RLP K . 2.37 -7.40 -18.11
P PO4 L . 22.53 -4.31 -2.94
O1 PO4 L . 22.32 -4.48 -1.47
O2 PO4 L . 21.60 -3.23 -3.33
O3 PO4 L . 22.21 -5.56 -3.70
O4 PO4 L . 23.95 -3.84 -3.15
O19 RLP M . 20.27 -9.04 -2.28
C18 RLP M . 20.99 -8.96 -1.29
O18 RLP M . 21.28 -9.96 -0.64
C17 RLP M . 21.57 -7.63 -0.84
C16 RLP M . 20.43 -6.75 -0.35
C7 RLP M . 19.83 -7.18 0.99
C8 RLP M . 18.99 -8.40 1.10
O8 RLP M . 18.85 -9.09 0.07
N9 RLP M . 18.44 -8.78 2.29
C10 RLP M . 18.65 -8.05 3.40
C5 RLP M . 19.46 -6.81 3.27
N6 RLP M . 19.99 -6.44 2.09
C4 RLP M . 19.66 -6.01 4.50
O4 RLP M . 20.42 -4.95 4.49
N3 RLP M . 19.09 -6.47 5.63
C2 RLP M . 18.33 -7.57 5.69
O2 RLP M . 17.84 -7.83 6.80
N1 RLP M . 18.07 -8.38 4.61
C11 RLP M . 17.75 -10.06 2.42
C12 RLP M . 16.27 -10.14 2.27
O12 RLP M . 15.77 -9.55 3.48
C13 RLP M . 15.86 -11.60 2.06
O13 RLP M . 16.34 -12.45 3.12
C14 RLP M . 16.30 -12.19 0.72
O14 RLP M . 15.90 -11.31 -0.35
C15 RLP M . 15.67 -13.57 0.48
O15 RLP M . 14.26 -13.52 0.59
P PO4 N . 17.27 8.60 12.73
O1 PO4 N . 16.08 9.29 13.37
O2 PO4 N . 17.04 8.42 11.29
O3 PO4 N . 17.54 7.27 13.37
O4 PO4 N . 18.45 9.51 12.92
O19 RLP O . 14.97 4.95 15.80
C18 RLP O . 14.77 5.98 16.43
O18 RLP O . 14.45 5.98 17.61
C17 RLP O . 14.89 7.37 15.81
C16 RLP O . 13.80 7.50 14.75
C7 RLP O . 12.41 7.71 15.29
C8 RLP O . 11.69 6.60 15.97
O8 RLP O . 12.27 5.47 16.08
N9 RLP O . 10.43 6.78 16.44
C10 RLP O . 9.80 7.98 16.33
C5 RLP O . 10.51 9.06 15.63
N6 RLP O . 11.77 8.91 15.15
C4 RLP O . 9.82 10.36 15.53
O4 RLP O . 10.39 11.35 15.01
N3 RLP O . 8.57 10.43 16.03
C2 RLP O . 7.94 9.42 16.61
O2 RLP O . 6.78 9.68 16.99
N1 RLP O . 8.52 8.20 16.76
C11 RLP O . 9.79 5.71 17.20
C12 RLP O . 8.87 4.77 16.52
O12 RLP O . 7.68 5.54 16.30
C13 RLP O . 8.62 3.56 17.46
O13 RLP O . 8.15 4.03 18.74
C14 RLP O . 9.85 2.66 17.65
O14 RLP O . 10.42 2.31 16.39
C15 RLP O . 9.49 1.37 18.40
O15 RLP O . 8.39 0.71 17.73
#